data_3HJF
#
_entry.id   3HJF
#
_cell.length_a   111.868
_cell.length_b   111.868
_cell.length_c   177.035
_cell.angle_alpha   90.000
_cell.angle_beta   90.000
_cell.angle_gamma   90.000
#
_symmetry.space_group_name_H-M   'P 43 21 2'
#
loop_
_entity.id
_entity.type
_entity.pdbx_description
1 polymer Argonaute
2 polymer "5'-D(P*TP*GP*AP*GP*GP*TP*AP*GP*TP*AP*GP*GP*TP*TP*GP*TP*AP*TP*AP*GP*T)-3'"
3 polymer "5'-R(*CP*AP*AP*CP*CP*UP*AP*CP*UP*AP*CP*CP*UP*CP*G)-3'"
4 non-polymer 'MAGNESIUM ION'
5 water water
#
loop_
_entity_poly.entity_id
_entity_poly.type
_entity_poly.pdbx_seq_one_letter_code
_entity_poly.pdbx_strand_id
1 'polypeptide(L)'
;MNHLGKTEVFLNRFALRPLNPEELRPWRLEVVLDPPPGREEVYPLLAQVARRAGGVTVRMGDGLASWSPPEVLVLEGTLA
RMGQTYAYRLYPKGRRPLDPKDPGERSVLSALARRLLQERLRRLEGVWVEGLAVYRREHARGPGWRVLGGAVLDLWVSDS
GAFLLEVDPAYRILCEMSLEAWLAQGHPLPKRVRNAYDRRTWELLRLGEEDPKELPLPGGLSLLDYHASKGRLQGREGGR
VAWVADPKDPRKPIPHLTGLLVPVLTLEDLHEEEGSLALSLPWEERRRRTREIASWIGRRLGLGTPEAVRAQAYRLSIPK
LMGRRAVSKPADALRVGFYRAQETALALLRLDGAQGWPEFLRRALLRAFGASGASLRLHTLHAHPSQGLAFREALRKAKE
EGVQAVLVLTPPMAWEDRNRLKALLLREGLPSQILNVPLREEERHRWENALLGLLAKAGLQVVALSGAYPAELAVGFDAG
GRESFRFGGAACAVGGDGGHLLWTLPEAQAGERIPQEVVWDLLEETLWAFRRKAGRLPSRVLLLREGRVPQDEFALALEA
LAREGIAYDLVSVRKSGGGRVYPVQGRLADGLYVPLEDKTFLLLTVHRDFRGTPRPLKLVHEAGDTPLEALAHQIFHLTR
LYPASGFAFPRLPAPLHLADRLVKEVGRLGIRHLKEVDREKLFFV
;
A
2 'polydeoxyribonucleotide'
;(DT)(DG)(DA)(DG)(DG)(DT)(DA)(DG)(DT)(DA)(DG)(DG)(DT)(DT)(DG)(DT)(DA)(DT)(DA)(DG)
(DT)
;
X
3 'polyribonucleotide' CAACCUACUACCUCG Y
#
# COMPACT_ATOMS: atom_id res chain seq x y z
N HIS A 3 10.98 27.12 6.45
CA HIS A 3 11.51 26.56 7.70
C HIS A 3 10.74 27.01 8.97
N LEU A 4 9.66 26.30 9.26
CA LEU A 4 8.71 26.64 10.30
C LEU A 4 9.15 26.20 11.70
N GLY A 5 8.24 26.36 12.67
CA GLY A 5 8.58 26.17 14.07
C GLY A 5 8.56 24.77 14.68
N LYS A 6 9.55 24.50 15.52
CA LYS A 6 9.68 23.21 16.22
C LYS A 6 8.45 22.80 17.00
N THR A 7 8.56 21.65 17.63
CA THR A 7 7.46 20.99 18.29
C THR A 7 8.05 19.70 18.81
N GLU A 8 7.52 19.18 19.92
CA GLU A 8 7.97 17.88 20.39
C GLU A 8 6.84 16.88 20.32
N VAL A 9 7.19 15.68 19.88
CA VAL A 9 6.21 14.61 19.73
C VAL A 9 6.82 13.34 20.27
N PHE A 10 5.98 12.44 20.77
CA PHE A 10 6.46 11.09 21.00
C PHE A 10 5.83 10.05 20.06
N LEU A 11 6.70 9.19 19.55
CA LEU A 11 6.35 8.06 18.71
C LEU A 11 5.70 6.95 19.53
N ASN A 12 5.09 6.01 18.82
CA ASN A 12 4.54 4.79 19.43
C ASN A 12 5.66 3.78 19.72
N ARG A 13 6.75 4.28 20.29
CA ARG A 13 7.80 3.44 20.83
C ARG A 13 8.10 3.83 22.26
N PHE A 14 8.74 2.92 22.97
CA PHE A 14 9.06 3.11 24.38
C PHE A 14 10.41 2.52 24.64
N ALA A 15 11.11 3.08 25.61
CA ALA A 15 12.41 2.54 26.00
C ALA A 15 12.27 1.65 27.24
N LEU A 16 12.94 0.50 27.23
CA LEU A 16 12.90 -0.44 28.36
C LEU A 16 14.31 -0.79 28.84
N ARG A 17 14.41 -1.71 29.78
CA ARG A 17 15.67 -1.92 30.49
C ARG A 17 16.82 -2.34 29.58
N PRO A 18 18.02 -1.85 29.90
CA PRO A 18 19.27 -2.18 29.22
C PRO A 18 19.47 -3.68 29.22
N LEU A 19 19.93 -4.24 28.12
CA LEU A 19 20.21 -5.66 28.09
C LEU A 19 21.27 -6.01 29.14
N ASN A 20 21.10 -7.16 29.77
CA ASN A 20 21.97 -7.54 30.89
C ASN A 20 23.23 -8.27 30.43
N PRO A 21 24.27 -8.26 31.27
CA PRO A 21 25.57 -8.86 30.98
C PRO A 21 25.51 -10.23 30.30
N GLU A 22 24.36 -10.89 30.37
CA GLU A 22 24.20 -12.23 29.83
C GLU A 22 23.54 -12.24 28.45
N GLU A 23 22.82 -11.16 28.19
CA GLU A 23 22.14 -10.97 26.91
C GLU A 23 23.06 -10.27 25.91
N LEU A 24 24.14 -9.71 26.42
CA LEU A 24 25.16 -9.08 25.57
C LEU A 24 26.19 -10.10 25.08
N ARG A 25 26.09 -11.33 25.54
CA ARG A 25 27.07 -12.35 25.20
C ARG A 25 26.34 -13.64 24.89
N PRO A 26 25.59 -13.66 23.78
CA PRO A 26 24.75 -14.81 23.39
C PRO A 26 25.54 -16.10 23.34
N TRP A 27 24.83 -17.21 23.53
CA TRP A 27 25.42 -18.53 23.36
C TRP A 27 25.44 -18.83 21.85
N ARG A 28 26.47 -19.56 21.40
CA ARG A 28 26.57 -19.90 19.99
C ARG A 28 26.47 -21.40 19.78
N LEU A 29 25.80 -21.79 18.69
CA LEU A 29 25.64 -23.19 18.38
C LEU A 29 25.65 -23.42 16.87
N GLU A 30 26.40 -24.42 16.44
CA GLU A 30 26.44 -24.82 15.04
C GLU A 30 25.38 -25.88 14.84
N VAL A 31 25.01 -26.09 13.58
CA VAL A 31 23.95 -27.02 13.24
C VAL A 31 24.49 -28.16 12.39
N VAL A 32 23.76 -29.26 12.32
CA VAL A 32 24.13 -30.39 11.46
C VAL A 32 22.84 -31.08 11.01
N LEU A 33 22.49 -30.93 9.73
CA LEU A 33 21.28 -31.57 9.20
C LEU A 33 21.62 -32.74 8.29
N ASP A 34 20.74 -33.75 8.25
CA ASP A 34 20.96 -34.96 7.45
C ASP A 34 19.63 -35.60 7.05
N PRO A 35 19.30 -35.62 5.75
CA PRO A 35 20.05 -35.23 4.54
C PRO A 35 20.74 -33.87 4.59
N PRO A 36 22.05 -33.83 4.30
CA PRO A 36 22.81 -32.58 4.29
C PRO A 36 22.08 -31.50 3.50
N PRO A 37 22.19 -30.25 3.94
CA PRO A 37 21.48 -29.09 3.40
C PRO A 37 21.69 -28.89 1.90
N GLY A 38 20.82 -28.09 1.28
CA GLY A 38 20.95 -27.78 -0.13
C GLY A 38 21.60 -26.43 -0.38
N ARG A 39 21.08 -25.72 -1.38
CA ARG A 39 21.64 -24.43 -1.79
C ARG A 39 20.88 -23.27 -1.17
N GLU A 40 19.75 -22.92 -1.78
CA GLU A 40 18.91 -21.83 -1.31
C GLU A 40 17.81 -22.35 -0.37
N GLU A 41 18.00 -23.57 0.13
CA GLU A 41 17.08 -24.18 1.10
C GLU A 41 17.61 -24.05 2.53
N VAL A 42 18.89 -23.70 2.66
CA VAL A 42 19.55 -23.59 3.96
C VAL A 42 18.91 -22.56 4.90
N TYR A 43 18.70 -21.34 4.41
CA TYR A 43 18.24 -20.26 5.28
C TYR A 43 16.76 -20.33 5.68
N PRO A 44 15.85 -20.60 4.73
CA PRO A 44 14.44 -20.77 5.11
C PRO A 44 14.23 -21.98 6.04
N LEU A 45 15.30 -22.72 6.29
CA LEU A 45 15.22 -23.90 7.14
C LEU A 45 16.03 -23.72 8.42
N LEU A 46 17.22 -23.15 8.30
CA LEU A 46 18.05 -22.85 9.46
C LEU A 46 17.32 -21.91 10.40
N ALA A 47 16.30 -21.25 9.87
CA ALA A 47 15.45 -20.38 10.68
C ALA A 47 14.38 -21.21 11.37
N GLN A 48 13.88 -22.22 10.67
CA GLN A 48 12.88 -23.13 11.20
C GLN A 48 13.43 -24.09 12.27
N VAL A 49 14.75 -24.27 12.28
CA VAL A 49 15.38 -25.13 13.29
C VAL A 49 15.61 -24.35 14.59
N ALA A 50 15.83 -23.05 14.46
CA ALA A 50 15.84 -22.18 15.63
C ALA A 50 14.51 -22.33 16.37
N ARG A 51 13.43 -22.44 15.60
CA ARG A 51 12.11 -22.58 16.19
C ARG A 51 11.94 -23.93 16.88
N ARG A 52 12.35 -25.00 16.21
CA ARG A 52 12.20 -26.36 16.74
C ARG A 52 13.09 -26.59 17.96
N ALA A 53 14.26 -25.95 17.97
CA ALA A 53 15.24 -26.14 19.03
C ALA A 53 14.67 -25.80 20.41
N GLY A 54 13.73 -24.86 20.44
CA GLY A 54 13.12 -24.42 21.67
C GLY A 54 13.76 -23.14 22.17
N GLY A 55 13.32 -22.67 23.34
CA GLY A 55 13.88 -21.48 23.95
C GLY A 55 13.95 -20.28 23.04
N VAL A 56 14.66 -19.24 23.48
CA VAL A 56 14.85 -18.03 22.68
C VAL A 56 16.10 -18.11 21.80
N THR A 57 15.90 -18.67 20.60
CA THR A 57 16.99 -18.86 19.66
C THR A 57 16.64 -18.33 18.24
N VAL A 58 17.58 -17.64 17.63
CA VAL A 58 17.43 -17.09 16.29
C VAL A 58 18.70 -17.36 15.51
N ARG A 59 18.61 -17.44 14.18
CA ARG A 59 19.77 -17.75 13.34
C ARG A 59 20.80 -16.60 13.25
N MET A 60 22.08 -16.96 13.23
CA MET A 60 23.19 -16.01 13.19
C MET A 60 24.34 -16.51 12.33
N GLY A 61 24.24 -16.30 11.03
CA GLY A 61 25.22 -16.83 10.10
C GLY A 61 24.89 -18.24 9.65
N ASP A 62 25.91 -19.09 9.65
CA ASP A 62 25.78 -20.47 9.20
C ASP A 62 25.18 -21.37 10.30
N GLY A 63 25.24 -20.89 11.54
CA GLY A 63 24.59 -21.52 12.66
C GLY A 63 23.83 -20.48 13.47
N LEU A 64 22.92 -20.92 14.34
CA LEU A 64 22.12 -19.97 15.12
C LEU A 64 22.74 -19.49 16.44
N ALA A 65 22.12 -18.47 17.02
CA ALA A 65 22.48 -17.93 18.32
C ALA A 65 21.29 -18.09 19.26
N SER A 66 21.55 -18.02 20.57
CA SER A 66 20.53 -18.30 21.56
C SER A 66 20.79 -17.55 22.83
N TRP A 67 19.71 -17.12 23.47
CA TRP A 67 19.81 -16.47 24.75
C TRP A 67 19.54 -17.46 25.89
N SER A 68 19.16 -18.68 25.52
CA SER A 68 18.99 -19.75 26.48
C SER A 68 20.19 -20.66 26.40
N PRO A 69 20.63 -21.23 27.53
CA PRO A 69 21.77 -22.14 27.51
C PRO A 69 21.45 -23.39 26.69
N PRO A 70 22.44 -23.94 26.00
CA PRO A 70 22.28 -25.14 25.17
C PRO A 70 21.62 -26.30 25.93
N GLU A 71 21.78 -26.34 27.26
CA GLU A 71 21.37 -27.48 28.06
C GLU A 71 19.87 -27.52 28.30
N VAL A 72 19.24 -26.38 28.11
CA VAL A 72 17.80 -26.29 28.13
C VAL A 72 17.23 -26.12 26.70
N LEU A 73 17.96 -26.65 25.72
CA LEU A 73 17.45 -26.72 24.34
C LEU A 73 17.32 -28.18 23.96
N VAL A 74 16.43 -28.44 23.00
CA VAL A 74 16.35 -29.75 22.39
C VAL A 74 17.47 -29.82 21.37
N LEU A 75 18.65 -30.25 21.81
CA LEU A 75 19.85 -30.16 20.97
C LEU A 75 19.87 -31.21 19.87
N GLU A 76 18.90 -32.13 19.93
CA GLU A 76 18.76 -33.12 18.90
C GLU A 76 17.28 -33.34 18.66
N GLY A 77 16.89 -33.51 17.40
CA GLY A 77 15.51 -33.79 17.08
C GLY A 77 15.29 -34.05 15.62
N THR A 78 14.03 -34.15 15.23
CA THR A 78 13.67 -34.40 13.85
C THR A 78 12.83 -33.24 13.32
N LEU A 79 12.88 -33.04 12.00
CA LEU A 79 12.18 -31.95 11.35
C LEU A 79 11.76 -32.35 9.93
N ALA A 80 10.71 -31.70 9.43
CA ALA A 80 10.28 -31.89 8.04
C ALA A 80 10.13 -30.52 7.36
N ARG A 81 10.78 -30.37 6.19
CA ARG A 81 10.80 -29.07 5.50
C ARG A 81 9.86 -29.05 4.31
N MET A 82 10.39 -28.64 3.17
CA MET A 82 9.64 -28.65 1.91
C MET A 82 8.97 -30.01 1.71
N GLY A 83 9.45 -31.01 2.44
CA GLY A 83 8.89 -32.35 2.38
C GLY A 83 9.92 -33.45 2.54
N GLN A 84 10.65 -33.43 3.65
CA GLN A 84 11.65 -34.45 3.93
C GLN A 84 11.97 -34.49 5.41
N THR A 85 12.21 -35.70 5.92
CA THR A 85 12.63 -35.87 7.30
C THR A 85 14.11 -35.52 7.44
N TYR A 86 14.40 -34.46 8.18
CA TYR A 86 15.75 -33.99 8.41
C TYR A 86 16.18 -34.17 9.86
N ALA A 87 17.01 -35.19 10.11
CA ALA A 87 17.64 -35.37 11.41
C ALA A 87 18.62 -34.23 11.69
N TYR A 88 18.52 -33.61 12.86
CA TYR A 88 19.42 -32.53 13.23
C TYR A 88 20.09 -32.71 14.61
N ARG A 89 21.14 -31.93 14.84
CA ARG A 89 21.81 -31.93 16.13
C ARG A 89 22.58 -30.62 16.31
N LEU A 90 22.20 -29.87 17.33
CA LEU A 90 22.86 -28.61 17.63
C LEU A 90 24.14 -28.90 18.38
N TYR A 91 25.23 -28.28 17.94
CA TYR A 91 26.52 -28.43 18.60
C TYR A 91 26.92 -27.11 19.19
N PRO A 92 27.32 -27.10 20.46
CA PRO A 92 27.68 -25.85 21.14
C PRO A 92 29.08 -25.39 20.74
N LYS A 93 29.27 -24.08 20.64
CA LYS A 93 30.60 -23.55 20.35
C LYS A 93 30.81 -22.23 21.05
N GLY A 94 30.61 -22.27 22.38
CA GLY A 94 30.91 -21.15 23.24
C GLY A 94 29.96 -19.98 23.08
N ARG A 95 30.32 -18.87 23.68
CA ARG A 95 29.51 -17.68 23.59
C ARG A 95 30.33 -16.56 22.95
N ARG A 96 29.66 -15.72 22.17
CA ARG A 96 30.34 -14.63 21.50
C ARG A 96 29.60 -13.30 21.68
N PRO A 97 30.22 -12.37 22.43
CA PRO A 97 29.63 -11.06 22.75
C PRO A 97 29.20 -10.29 21.51
N LEU A 98 28.25 -9.37 21.67
CA LEU A 98 27.80 -8.51 20.58
C LEU A 98 27.79 -7.03 21.01
N ASP A 99 27.82 -6.13 20.04
CA ASP A 99 27.79 -4.68 20.32
C ASP A 99 26.64 -3.99 19.60
N PRO A 100 25.82 -3.22 20.34
CA PRO A 100 24.75 -2.41 19.75
C PRO A 100 25.29 -1.36 18.77
N LYS A 101 26.52 -0.90 18.99
CA LYS A 101 27.13 0.11 18.13
C LYS A 101 27.41 -0.45 16.74
N ASP A 102 27.85 -1.71 16.71
CA ASP A 102 28.09 -2.44 15.48
C ASP A 102 26.80 -3.02 14.91
N PRO A 103 26.19 -2.31 13.95
CA PRO A 103 24.87 -2.63 13.37
C PRO A 103 24.70 -4.09 12.93
N GLY A 104 25.75 -4.70 12.42
CA GLY A 104 25.65 -6.07 11.96
C GLY A 104 25.20 -6.99 13.08
N GLU A 105 25.80 -6.78 14.25
CA GLU A 105 25.57 -7.59 15.43
C GLU A 105 24.30 -7.16 16.15
N ARG A 106 24.13 -5.85 16.31
CA ARG A 106 22.88 -5.31 16.80
C ARG A 106 21.69 -5.88 16.02
N SER A 107 21.92 -6.29 14.77
CA SER A 107 20.89 -6.93 13.98
C SER A 107 20.37 -8.18 14.68
N VAL A 108 21.31 -8.99 15.17
CA VAL A 108 20.98 -10.26 15.82
C VAL A 108 20.28 -10.02 17.14
N LEU A 109 20.87 -9.17 17.97
CA LEU A 109 20.25 -8.83 19.24
C LEU A 109 18.78 -8.47 19.04
N SER A 110 18.47 -7.69 18.01
CA SER A 110 17.10 -7.29 17.77
C SER A 110 16.23 -8.50 17.44
N ALA A 111 16.84 -9.51 16.83
CA ALA A 111 16.14 -10.74 16.45
C ALA A 111 15.83 -11.58 17.68
N LEU A 112 16.86 -11.87 18.47
CA LEU A 112 16.67 -12.52 19.75
C LEU A 112 15.57 -11.77 20.51
N ALA A 113 15.66 -10.44 20.48
CA ALA A 113 14.70 -9.59 21.17
C ALA A 113 13.27 -9.81 20.67
N ARG A 114 13.11 -9.97 19.35
CA ARG A 114 11.77 -10.22 18.80
C ARG A 114 11.25 -11.59 19.25
N ARG A 115 12.17 -12.55 19.37
CA ARG A 115 11.84 -13.91 19.82
C ARG A 115 11.49 -13.97 21.31
N LEU A 116 12.34 -13.36 22.14
CA LEU A 116 12.04 -13.15 23.56
C LEU A 116 10.62 -12.64 23.73
N LEU A 117 10.28 -11.64 22.92
CA LEU A 117 8.96 -11.03 22.98
C LEU A 117 7.85 -12.06 22.83
N GLN A 118 7.83 -12.79 21.71
CA GLN A 118 6.80 -13.80 21.50
C GLN A 118 6.84 -14.83 22.61
N GLU A 119 7.99 -15.50 22.73
CA GLU A 119 8.15 -16.61 23.67
C GLU A 119 7.62 -16.28 25.06
N ARG A 120 8.03 -15.15 25.61
CA ARG A 120 7.51 -14.72 26.90
C ARG A 120 5.99 -14.52 26.84
N LEU A 121 5.51 -13.94 25.75
CA LEU A 121 4.08 -13.78 25.52
C LEU A 121 3.39 -15.12 25.41
N ARG A 122 4.08 -16.07 24.78
CA ARG A 122 3.51 -17.38 24.52
C ARG A 122 2.99 -18.05 25.79
N ARG A 123 3.57 -17.69 26.93
CA ARG A 123 3.25 -18.37 28.18
C ARG A 123 2.52 -17.51 29.19
N LEU A 124 2.12 -16.33 28.77
CA LEU A 124 1.26 -15.53 29.62
C LEU A 124 -0.11 -16.15 29.58
N GLU A 125 -0.46 -16.88 30.63
CA GLU A 125 -1.79 -17.45 30.73
C GLU A 125 -2.84 -16.34 30.61
N GLY A 126 -3.89 -16.61 29.83
CA GLY A 126 -4.97 -15.65 29.66
C GLY A 126 -4.75 -14.68 28.51
N VAL A 127 -3.99 -15.12 27.52
CA VAL A 127 -3.55 -14.24 26.44
C VAL A 127 -3.28 -14.98 25.12
N TRP A 128 -3.89 -14.49 24.04
CA TRP A 128 -3.72 -15.08 22.72
C TRP A 128 -2.66 -14.34 21.90
N VAL A 129 -1.63 -15.07 21.45
CA VAL A 129 -0.49 -14.50 20.73
C VAL A 129 -0.41 -14.92 19.26
N GLU A 130 -1.15 -14.23 18.39
CA GLU A 130 -1.10 -14.57 16.97
C GLU A 130 0.11 -13.91 16.29
N GLY A 131 1.28 -14.51 16.48
CA GLY A 131 2.51 -13.98 15.93
C GLY A 131 3.20 -13.04 16.90
N LEU A 132 3.54 -11.85 16.41
CA LEU A 132 4.12 -10.82 17.29
C LEU A 132 3.04 -9.86 17.80
N ALA A 133 1.78 -10.25 17.65
CA ALA A 133 0.64 -9.45 18.13
C ALA A 133 -0.08 -10.14 19.27
N VAL A 134 -0.61 -9.35 20.20
CA VAL A 134 -1.23 -9.88 21.42
C VAL A 134 -2.59 -9.26 21.76
N TYR A 135 -3.51 -10.10 22.22
CA TYR A 135 -4.86 -9.65 22.54
C TYR A 135 -5.18 -9.93 24.00
N ARG A 136 -5.71 -8.93 24.70
CA ARG A 136 -5.83 -8.99 26.15
C ARG A 136 -7.10 -8.34 26.71
N ARG A 137 -8.03 -8.02 25.84
CA ARG A 137 -9.33 -7.60 26.28
C ARG A 137 -10.33 -8.03 25.24
N GLU A 138 -11.42 -8.62 25.70
CA GLU A 138 -12.64 -8.79 24.91
C GLU A 138 -13.40 -7.46 24.72
N HIS A 139 -13.84 -7.21 23.49
CA HIS A 139 -14.49 -5.95 23.14
C HIS A 139 -15.99 -6.15 22.93
N ALA A 140 -16.37 -7.29 22.35
CA ALA A 140 -17.77 -7.62 22.13
C ALA A 140 -17.95 -9.09 21.76
N ARG A 141 -19.19 -9.58 21.81
CA ARG A 141 -19.48 -10.97 21.44
C ARG A 141 -20.82 -11.17 20.74
N GLY A 142 -21.05 -12.39 20.27
CA GLY A 142 -22.26 -12.76 19.55
C GLY A 142 -22.59 -14.23 19.72
N PRO A 143 -23.06 -14.86 18.65
CA PRO A 143 -23.43 -16.27 18.69
C PRO A 143 -22.26 -17.19 18.33
N GLY A 144 -21.19 -17.12 19.13
CA GLY A 144 -19.99 -17.87 18.86
C GLY A 144 -18.95 -17.00 18.21
N TRP A 145 -19.36 -15.77 17.90
CA TRP A 145 -18.52 -14.80 17.23
C TRP A 145 -17.98 -13.75 18.20
N ARG A 146 -16.75 -13.97 18.68
CA ARG A 146 -16.10 -13.06 19.65
C ARG A 146 -15.06 -12.12 18.99
N VAL A 147 -14.98 -10.90 19.52
CA VAL A 147 -14.05 -9.89 19.03
C VAL A 147 -13.02 -9.47 20.07
N LEU A 148 -11.75 -9.76 19.81
CA LEU A 148 -10.67 -9.47 20.75
C LEU A 148 -9.97 -8.11 20.51
N GLY A 149 -9.68 -7.42 21.62
CA GLY A 149 -8.90 -6.19 21.59
C GLY A 149 -7.46 -6.53 21.93
N GLY A 150 -6.55 -5.57 21.75
CA GLY A 150 -5.14 -5.88 21.92
C GLY A 150 -4.21 -4.92 21.18
N ALA A 151 -3.09 -5.45 20.69
CA ALA A 151 -2.07 -4.63 20.04
C ALA A 151 -1.03 -5.48 19.31
N VAL A 152 -0.46 -4.92 18.25
CA VAL A 152 0.61 -5.58 17.50
C VAL A 152 1.92 -4.95 17.92
N LEU A 153 2.96 -5.76 18.12
CA LEU A 153 4.15 -5.18 18.70
C LEU A 153 5.45 -5.76 18.23
N ASP A 154 6.50 -4.98 18.41
CA ASP A 154 7.83 -5.38 18.01
C ASP A 154 8.76 -4.97 19.13
N LEU A 155 9.81 -5.76 19.33
CA LEU A 155 10.79 -5.51 20.37
C LEU A 155 12.15 -5.60 19.72
N TRP A 156 12.93 -4.53 19.81
CA TRP A 156 14.28 -4.56 19.27
C TRP A 156 15.28 -3.87 20.20
N VAL A 157 16.57 -3.99 19.87
CA VAL A 157 17.65 -3.41 20.66
C VAL A 157 18.14 -2.06 20.11
N SER A 158 18.32 -1.09 21.01
CA SER A 158 18.87 0.23 20.68
C SER A 158 20.39 0.19 20.50
N ASP A 159 20.99 1.37 20.36
CA ASP A 159 22.43 1.50 20.11
C ASP A 159 23.16 1.65 21.43
N SER A 160 22.41 2.03 22.45
CA SER A 160 22.93 2.17 23.80
C SER A 160 22.74 0.87 24.58
N GLY A 161 22.57 -0.23 23.85
CA GLY A 161 22.37 -1.54 24.45
C GLY A 161 21.14 -1.63 25.32
N ALA A 162 20.06 -0.98 24.88
CA ALA A 162 18.80 -0.95 25.63
C ALA A 162 17.69 -1.56 24.79
N PHE A 163 16.52 -1.72 25.38
CA PHE A 163 15.42 -2.38 24.69
C PHE A 163 14.48 -1.36 24.14
N LEU A 164 13.88 -1.65 22.98
CA LEU A 164 12.87 -0.78 22.41
C LEU A 164 11.64 -1.58 22.06
N LEU A 165 10.48 -1.03 22.38
CA LEU A 165 9.24 -1.75 22.19
C LEU A 165 8.28 -0.86 21.42
N GLU A 166 7.94 -1.27 20.21
CA GLU A 166 6.92 -0.57 19.46
C GLU A 166 5.56 -1.19 19.74
N VAL A 167 4.54 -0.35 19.88
CA VAL A 167 3.24 -0.83 20.29
C VAL A 167 2.15 -0.16 19.45
N ASP A 168 1.16 -0.92 18.99
CA ASP A 168 0.00 -0.34 18.28
C ASP A 168 -1.26 -1.21 18.35
N PRO A 169 -2.35 -0.67 18.91
CA PRO A 169 -3.65 -1.31 19.05
C PRO A 169 -4.22 -1.96 17.78
N ALA A 170 -4.94 -3.06 17.97
CA ALA A 170 -5.56 -3.80 16.87
C ALA A 170 -6.78 -4.55 17.38
N TYR A 171 -7.60 -5.04 16.46
CA TYR A 171 -8.72 -5.89 16.80
C TYR A 171 -8.59 -7.22 16.10
N ARG A 172 -9.31 -8.22 16.59
CA ARG A 172 -9.36 -9.51 15.94
C ARG A 172 -10.79 -10.03 15.87
N ILE A 173 -11.06 -10.85 14.86
CA ILE A 173 -12.38 -11.43 14.66
C ILE A 173 -12.26 -12.94 14.67
N LEU A 174 -12.96 -13.57 15.61
CA LEU A 174 -12.83 -15.00 15.84
C LEU A 174 -14.19 -15.70 15.95
N CYS A 175 -14.30 -16.87 15.30
CA CYS A 175 -15.53 -17.68 15.39
C CYS A 175 -15.28 -19.11 15.86
N GLU A 176 -16.29 -19.67 16.52
CA GLU A 176 -16.19 -21.01 17.10
C GLU A 176 -16.91 -22.08 16.27
N MET A 177 -18.17 -21.82 15.92
CA MET A 177 -18.99 -22.76 15.16
C MET A 177 -18.27 -23.28 13.91
N SER A 178 -18.52 -24.53 13.57
CA SER A 178 -17.95 -25.13 12.37
C SER A 178 -18.55 -24.51 11.12
N LEU A 179 -18.29 -25.13 9.97
CA LEU A 179 -18.89 -24.69 8.72
C LEU A 179 -20.42 -24.71 8.83
N GLU A 180 -20.97 -25.90 9.00
CA GLU A 180 -22.41 -26.08 9.14
C GLU A 180 -22.92 -25.60 10.50
N ALA A 181 -22.02 -25.50 11.47
CA ALA A 181 -22.37 -25.02 12.80
C ALA A 181 -22.55 -23.50 12.80
N TRP A 182 -22.02 -22.85 11.78
CA TRP A 182 -22.23 -21.41 11.58
C TRP A 182 -23.59 -21.17 10.94
N LEU A 183 -24.05 -22.15 10.16
CA LEU A 183 -25.38 -22.11 9.57
C LEU A 183 -26.43 -22.43 10.64
N ALA A 184 -26.02 -23.21 11.65
CA ALA A 184 -26.88 -23.52 12.78
C ALA A 184 -27.25 -22.25 13.53
N GLN A 185 -26.53 -21.17 13.23
CA GLN A 185 -26.80 -19.87 13.80
C GLN A 185 -27.76 -19.10 12.90
N GLY A 186 -27.85 -19.53 11.65
CA GLY A 186 -28.66 -18.85 10.68
C GLY A 186 -27.89 -17.78 9.94
N HIS A 187 -26.58 -17.74 10.18
CA HIS A 187 -25.70 -16.77 9.52
C HIS A 187 -25.72 -16.94 8.00
N PRO A 188 -25.40 -15.83 7.34
CA PRO A 188 -25.24 -15.68 5.88
C PRO A 188 -23.90 -16.20 5.36
N LEU A 189 -23.82 -16.28 4.03
CA LEU A 189 -22.77 -17.01 3.33
C LEU A 189 -21.41 -16.32 3.46
N PRO A 190 -20.56 -16.81 4.37
CA PRO A 190 -19.19 -16.30 4.56
C PRO A 190 -18.40 -16.33 3.24
N LYS A 191 -18.08 -15.16 2.69
CA LYS A 191 -17.39 -15.08 1.41
C LYS A 191 -16.11 -15.93 1.37
N ARG A 192 -15.52 -16.15 2.55
CA ARG A 192 -14.30 -16.95 2.65
C ARG A 192 -14.40 -17.97 3.78
N VAL A 193 -13.54 -18.98 3.72
CA VAL A 193 -13.54 -20.06 4.70
C VAL A 193 -12.12 -20.63 4.75
N ARG A 194 -11.88 -21.57 5.66
CA ARG A 194 -10.56 -22.18 5.77
C ARG A 194 -10.64 -23.59 6.31
N ASN A 195 -10.01 -24.54 5.61
CA ASN A 195 -9.96 -25.92 6.04
C ASN A 195 -9.39 -26.09 7.44
N ALA A 196 -10.13 -26.71 8.34
CA ALA A 196 -9.52 -27.01 9.62
C ALA A 196 -8.37 -27.97 9.43
N TYR A 197 -8.61 -29.01 8.64
CA TYR A 197 -7.62 -30.07 8.49
C TYR A 197 -6.36 -29.56 7.83
N ASP A 198 -6.56 -28.78 6.77
CA ASP A 198 -5.49 -28.07 6.11
C ASP A 198 -5.58 -26.67 6.65
N ARG A 199 -5.00 -25.73 5.94
CA ARG A 199 -5.05 -24.33 6.39
C ARG A 199 -5.46 -23.40 5.23
N ARG A 200 -5.82 -24.01 4.10
CA ARG A 200 -6.20 -23.25 2.91
C ARG A 200 -7.51 -22.49 3.09
N THR A 201 -7.59 -21.30 2.51
CA THR A 201 -8.79 -20.49 2.60
C THR A 201 -9.54 -20.53 1.28
N TRP A 202 -10.69 -21.21 1.27
CA TRP A 202 -11.49 -21.34 0.05
C TRP A 202 -12.57 -20.25 -0.03
N GLU A 203 -12.73 -19.68 -1.21
CA GLU A 203 -13.75 -18.66 -1.44
C GLU A 203 -15.10 -19.33 -1.71
N LEU A 204 -15.72 -19.85 -0.65
CA LEU A 204 -16.98 -20.57 -0.77
C LEU A 204 -17.89 -19.99 -1.85
N LEU A 205 -18.23 -20.84 -2.82
CA LEU A 205 -19.05 -20.42 -3.96
C LEU A 205 -20.55 -20.51 -3.67
N ARG A 206 -21.04 -21.73 -3.48
CA ARG A 206 -22.45 -21.93 -3.14
C ARG A 206 -22.65 -23.33 -2.56
N LEU A 207 -23.90 -23.68 -2.31
CA LEU A 207 -24.22 -25.03 -1.84
C LEU A 207 -24.78 -25.88 -2.99
N GLY A 208 -25.36 -27.02 -2.62
CA GLY A 208 -25.94 -27.93 -3.59
C GLY A 208 -26.56 -29.14 -2.93
N GLU A 209 -27.74 -29.53 -3.40
CA GLU A 209 -28.41 -30.72 -2.89
C GLU A 209 -27.75 -32.00 -3.40
N GLU A 210 -26.76 -31.85 -4.27
CA GLU A 210 -26.08 -32.98 -4.89
C GLU A 210 -25.69 -34.06 -3.87
N ASP A 211 -25.91 -35.31 -4.22
CA ASP A 211 -25.64 -36.42 -3.32
C ASP A 211 -24.14 -36.62 -3.10
N PRO A 212 -23.75 -36.81 -1.84
CA PRO A 212 -22.35 -37.01 -1.49
C PRO A 212 -21.81 -38.31 -2.12
N LYS A 213 -22.59 -39.38 -2.01
CA LYS A 213 -22.20 -40.67 -2.55
C LYS A 213 -21.95 -40.59 -4.06
N GLU A 214 -22.38 -39.49 -4.68
CA GLU A 214 -22.21 -39.32 -6.12
C GLU A 214 -21.08 -38.36 -6.44
N GLY A 220 -13.19 -35.99 -11.52
CA GLY A 220 -13.95 -37.19 -11.21
C GLY A 220 -13.52 -37.84 -9.91
N LEU A 221 -14.45 -37.95 -8.97
CA LEU A 221 -14.18 -38.58 -7.68
C LEU A 221 -15.44 -38.69 -6.83
N SER A 222 -15.51 -39.76 -6.02
CA SER A 222 -16.64 -39.96 -5.12
C SER A 222 -16.42 -39.18 -3.83
N LEU A 223 -17.27 -38.18 -3.59
CA LEU A 223 -17.08 -37.24 -2.49
C LEU A 223 -16.94 -37.89 -1.11
N LEU A 224 -18.07 -38.16 -0.46
CA LEU A 224 -18.09 -38.69 0.89
C LEU A 224 -17.14 -39.88 1.08
N ASP A 225 -17.03 -40.71 0.05
CA ASP A 225 -16.19 -41.91 0.09
C ASP A 225 -14.69 -41.58 0.21
N TYR A 226 -14.14 -40.96 -0.84
CA TYR A 226 -12.72 -40.64 -0.88
C TYR A 226 -12.29 -39.64 0.20
N HIS A 227 -13.23 -38.85 0.70
CA HIS A 227 -12.94 -37.90 1.76
C HIS A 227 -12.49 -38.65 3.02
N ALA A 228 -13.14 -39.78 3.27
CA ALA A 228 -12.79 -40.62 4.41
C ALA A 228 -11.52 -41.45 4.14
N SER A 229 -11.17 -41.59 2.86
CA SER A 229 -10.00 -42.39 2.46
C SER A 229 -8.71 -41.83 3.06
N LYS A 230 -8.66 -40.51 3.20
CA LYS A 230 -7.53 -39.86 3.85
C LYS A 230 -7.73 -39.89 5.36
N GLY A 231 -8.60 -40.77 5.82
CA GLY A 231 -8.93 -40.88 7.23
C GLY A 231 -9.40 -39.55 7.77
N ARG A 232 -9.87 -38.69 6.87
CA ARG A 232 -10.23 -37.32 7.23
C ARG A 232 -11.71 -37.20 7.57
N LEU A 233 -12.37 -38.33 7.74
CA LEU A 233 -13.80 -38.32 8.09
C LEU A 233 -14.03 -38.28 9.60
N GLN A 234 -12.99 -38.58 10.38
CA GLN A 234 -13.08 -38.59 11.84
C GLN A 234 -13.18 -37.17 12.40
N GLY A 235 -13.47 -37.06 13.69
CA GLY A 235 -13.57 -35.77 14.34
C GLY A 235 -14.95 -35.12 14.24
N ARG A 236 -15.55 -35.22 13.05
CA ARG A 236 -16.89 -34.68 12.81
C ARG A 236 -17.36 -34.93 11.37
N GLU A 237 -18.57 -34.48 11.12
CA GLU A 237 -19.03 -34.22 9.80
C GLU A 237 -20.20 -33.31 10.05
N GLY A 238 -20.51 -32.55 9.06
CA GLY A 238 -21.75 -31.77 9.02
C GLY A 238 -22.33 -31.71 7.62
N GLY A 239 -23.20 -30.74 7.36
CA GLY A 239 -23.79 -30.56 6.05
C GLY A 239 -22.75 -30.45 4.96
N ARG A 240 -22.84 -31.29 3.94
CA ARG A 240 -21.85 -31.34 2.85
C ARG A 240 -21.71 -30.00 2.14
N VAL A 241 -22.84 -29.35 1.87
CA VAL A 241 -22.89 -27.99 1.36
C VAL A 241 -22.00 -27.66 0.15
N ALA A 242 -21.05 -26.75 0.37
CA ALA A 242 -20.35 -26.06 -0.73
C ALA A 242 -19.47 -26.90 -1.65
N TRP A 243 -19.36 -26.42 -2.88
CA TRP A 243 -18.46 -26.96 -3.89
C TRP A 243 -17.58 -25.83 -4.41
N VAL A 244 -16.68 -25.33 -3.56
CA VAL A 244 -15.90 -24.12 -3.82
C VAL A 244 -14.96 -24.19 -5.04
N ALA A 245 -14.05 -23.20 -5.11
CA ALA A 245 -13.05 -23.13 -6.18
C ALA A 245 -11.78 -22.43 -5.71
N ASP A 246 -10.62 -22.90 -6.17
CA ASP A 246 -9.35 -22.30 -5.81
C ASP A 246 -9.40 -20.79 -6.05
N PRO A 247 -9.24 -20.01 -4.98
CA PRO A 247 -9.32 -18.56 -5.09
C PRO A 247 -8.44 -18.01 -6.21
N LYS A 248 -7.31 -18.67 -6.45
CA LYS A 248 -6.41 -18.28 -7.52
C LYS A 248 -7.02 -18.59 -8.89
N ASP A 249 -7.14 -19.87 -9.22
CA ASP A 249 -7.74 -20.31 -10.48
C ASP A 249 -9.27 -20.35 -10.37
N PRO A 250 -9.85 -19.20 -10.07
CA PRO A 250 -11.20 -19.15 -9.55
C PRO A 250 -12.19 -19.27 -10.69
N ARG A 251 -12.21 -20.47 -11.27
CA ARG A 251 -13.27 -20.85 -12.18
C ARG A 251 -13.83 -22.21 -11.82
N LYS A 252 -13.26 -23.25 -12.41
CA LYS A 252 -13.83 -24.59 -12.28
C LYS A 252 -14.18 -24.90 -10.83
N PRO A 253 -15.21 -25.75 -10.63
CA PRO A 253 -15.66 -26.17 -9.29
C PRO A 253 -14.88 -27.38 -8.78
N ILE A 254 -14.22 -27.24 -7.64
CA ILE A 254 -13.54 -28.36 -6.99
C ILE A 254 -14.12 -28.55 -5.58
N PRO A 255 -15.22 -29.31 -5.48
CA PRO A 255 -15.99 -29.52 -4.25
C PRO A 255 -15.23 -30.26 -3.15
N HIS A 256 -15.56 -29.96 -1.89
CA HIS A 256 -15.06 -30.70 -0.73
C HIS A 256 -16.05 -30.62 0.42
N LEU A 257 -16.07 -31.67 1.26
CA LEU A 257 -17.04 -31.80 2.34
C LEU A 257 -17.05 -30.59 3.27
N THR A 258 -18.25 -30.13 3.62
CA THR A 258 -18.41 -28.97 4.49
C THR A 258 -18.44 -29.37 5.96
N GLY A 259 -17.78 -30.48 6.26
CA GLY A 259 -17.53 -30.87 7.64
C GLY A 259 -16.08 -30.58 7.95
N LEU A 260 -15.29 -30.41 6.90
CA LEU A 260 -13.86 -30.12 7.03
C LEU A 260 -13.49 -28.74 6.47
N LEU A 261 -14.27 -27.76 6.95
CA LEU A 261 -14.05 -26.36 6.71
C LEU A 261 -14.48 -25.67 7.99
N VAL A 262 -13.75 -24.64 8.37
CA VAL A 262 -14.07 -23.89 9.56
C VAL A 262 -14.48 -22.49 9.12
N PRO A 263 -15.59 -22.02 9.64
CA PRO A 263 -16.05 -20.71 9.15
C PRO A 263 -15.10 -19.59 9.54
N VAL A 264 -14.74 -18.74 8.57
CA VAL A 264 -13.84 -17.61 8.80
C VAL A 264 -14.53 -16.27 8.52
N LEU A 265 -15.07 -15.64 9.57
CA LEU A 265 -15.89 -14.44 9.44
C LEU A 265 -15.08 -13.18 9.13
N THR A 266 -15.78 -12.12 8.71
CA THR A 266 -15.14 -10.86 8.38
C THR A 266 -15.90 -9.68 8.95
N LEU A 267 -15.65 -8.49 8.40
CA LEU A 267 -16.22 -7.25 8.93
C LEU A 267 -17.75 -7.30 9.09
N GLU A 268 -18.46 -7.18 7.96
CA GLU A 268 -19.91 -7.21 7.97
C GLU A 268 -20.42 -8.62 8.22
N ASP A 269 -20.02 -9.53 7.33
CA ASP A 269 -20.44 -10.93 7.41
C ASP A 269 -20.25 -11.50 8.81
N LEU A 279 -16.64 0.43 15.97
CA LEU A 279 -15.33 -0.12 16.36
C LEU A 279 -14.18 0.56 15.61
N SER A 280 -13.89 1.80 15.98
CA SER A 280 -12.80 2.57 15.37
C SER A 280 -12.20 3.55 16.39
N LEU A 281 -10.93 3.32 16.74
CA LEU A 281 -10.26 4.06 17.80
C LEU A 281 -9.93 5.50 17.48
N PRO A 282 -10.43 6.44 18.31
CA PRO A 282 -10.04 7.86 18.34
C PRO A 282 -8.60 8.02 18.83
N TRP A 283 -7.79 8.79 18.11
CA TRP A 283 -6.38 8.94 18.44
C TRP A 283 -6.14 9.15 19.93
N GLU A 284 -6.99 9.95 20.56
CA GLU A 284 -6.88 10.18 21.99
C GLU A 284 -6.92 8.85 22.73
N GLU A 285 -7.78 7.95 22.29
CA GLU A 285 -7.95 6.67 22.96
C GLU A 285 -6.86 5.68 22.61
N ARG A 286 -6.31 5.84 21.41
CA ARG A 286 -5.22 4.99 20.95
C ARG A 286 -3.95 5.36 21.70
N ARG A 287 -3.65 6.65 21.81
CA ARG A 287 -2.51 7.08 22.61
C ARG A 287 -2.64 6.58 24.05
N ARG A 288 -3.87 6.42 24.52
CA ARG A 288 -4.07 5.85 25.84
C ARG A 288 -3.79 4.34 25.84
N ARG A 289 -4.51 3.60 24.99
CA ARG A 289 -4.38 2.15 24.92
C ARG A 289 -2.96 1.72 24.58
N THR A 290 -2.22 2.61 23.93
CA THR A 290 -0.83 2.35 23.59
C THR A 290 0.06 2.34 24.83
N ARG A 291 -0.03 3.40 25.64
CA ARG A 291 0.75 3.50 26.90
C ARG A 291 0.36 2.40 27.88
N GLU A 292 -0.94 2.14 28.00
CA GLU A 292 -1.41 1.07 28.88
C GLU A 292 -0.69 -0.23 28.59
N ILE A 293 -0.87 -0.73 27.37
CA ILE A 293 -0.26 -1.99 26.95
C ILE A 293 1.25 -1.98 27.12
N ALA A 294 1.87 -0.83 26.85
CA ALA A 294 3.32 -0.72 26.92
C ALA A 294 3.74 -1.00 28.35
N SER A 295 3.18 -0.24 29.28
CA SER A 295 3.45 -0.44 30.69
C SER A 295 3.21 -1.89 31.03
N TRP A 296 1.96 -2.31 30.89
CA TRP A 296 1.60 -3.69 31.12
C TRP A 296 2.66 -4.73 30.66
N ILE A 297 3.11 -4.64 29.41
CA ILE A 297 4.12 -5.60 28.94
C ILE A 297 5.50 -5.49 29.65
N GLY A 298 5.94 -4.27 29.92
CA GLY A 298 7.25 -4.11 30.54
C GLY A 298 7.21 -4.65 31.94
N ARG A 299 6.05 -4.50 32.56
CA ARG A 299 5.78 -4.99 33.90
C ARG A 299 5.73 -6.51 33.93
N ARG A 300 4.93 -7.08 33.04
CA ARG A 300 4.72 -8.51 33.02
C ARG A 300 5.87 -9.32 32.45
N LEU A 301 6.96 -8.66 32.08
CA LEU A 301 8.09 -9.36 31.45
C LEU A 301 9.43 -9.08 32.09
N GLY A 302 9.45 -8.16 33.05
CA GLY A 302 10.69 -7.82 33.71
C GLY A 302 11.59 -7.10 32.74
N LEU A 303 11.03 -6.06 32.15
CA LEU A 303 11.70 -5.26 31.13
C LEU A 303 11.73 -3.84 31.63
N GLY A 304 10.99 -3.60 32.70
CA GLY A 304 11.01 -2.32 33.35
C GLY A 304 9.80 -1.45 33.06
N THR A 305 9.98 -0.18 33.38
CA THR A 305 9.00 0.88 33.14
C THR A 305 9.27 1.59 31.81
N PRO A 306 8.22 1.73 30.98
CA PRO A 306 8.28 2.29 29.62
C PRO A 306 8.44 3.81 29.57
N GLU A 307 9.59 4.26 29.09
CA GLU A 307 9.81 5.69 28.79
C GLU A 307 9.43 5.99 27.33
N ALA A 308 8.27 6.59 27.13
CA ALA A 308 7.85 6.98 25.81
C ALA A 308 8.99 7.68 25.10
N VAL A 309 9.41 7.11 23.96
CA VAL A 309 10.45 7.76 23.16
C VAL A 309 9.88 9.00 22.48
N ARG A 310 10.56 10.13 22.58
CA ARG A 310 10.11 11.31 21.85
C ARG A 310 11.13 11.89 20.87
N ALA A 311 10.61 12.53 19.82
CA ALA A 311 11.46 13.16 18.81
C ALA A 311 11.01 14.58 18.48
N GLN A 312 11.90 15.31 17.84
CA GLN A 312 11.61 16.67 17.42
C GLN A 312 10.82 16.64 16.12
N ALA A 313 9.67 17.32 16.14
CA ALA A 313 8.86 17.51 14.95
C ALA A 313 9.18 18.87 14.38
N TYR A 314 8.71 19.14 13.16
CA TYR A 314 8.83 20.47 12.58
C TYR A 314 7.59 20.76 11.77
N ARG A 315 7.04 21.96 11.91
CA ARG A 315 5.92 22.38 11.08
C ARG A 315 6.50 22.88 9.76
N LEU A 316 5.85 22.51 8.64
CA LEU A 316 6.37 22.76 7.31
C LEU A 316 5.62 23.89 6.59
N SER A 317 6.38 24.72 5.87
CA SER A 317 5.80 25.86 5.16
C SER A 317 4.62 25.53 4.27
N ILE A 318 3.41 25.89 4.69
CA ILE A 318 2.21 25.69 3.89
C ILE A 318 2.45 26.07 2.41
N PRO A 319 2.01 25.19 1.48
CA PRO A 319 2.24 25.44 0.04
C PRO A 319 1.35 26.56 -0.48
N LYS A 320 1.87 27.37 -1.38
CA LYS A 320 1.04 28.36 -2.04
C LYS A 320 0.62 27.81 -3.40
N LEU A 321 -0.65 27.45 -3.51
CA LEU A 321 -1.20 26.72 -4.65
C LEU A 321 -1.97 27.66 -5.57
N MET A 322 -1.72 27.56 -6.88
CA MET A 322 -2.16 28.58 -7.82
C MET A 322 -3.04 28.13 -8.99
N GLY A 323 -4.35 28.38 -8.91
CA GLY A 323 -5.20 28.34 -10.09
C GLY A 323 -4.81 29.47 -11.04
N ARG A 324 -5.79 30.25 -11.51
CA ARG A 324 -5.48 31.51 -12.19
C ARG A 324 -4.97 32.48 -11.14
N ARG A 325 -5.55 32.35 -9.96
CA ARG A 325 -5.07 33.01 -8.75
C ARG A 325 -4.95 32.01 -7.60
N ALA A 326 -4.35 32.45 -6.49
CA ALA A 326 -4.17 31.63 -5.31
C ALA A 326 -5.45 30.89 -4.96
N VAL A 327 -5.29 29.66 -4.48
CA VAL A 327 -6.42 28.81 -4.16
C VAL A 327 -6.00 27.78 -3.08
N SER A 328 -6.96 27.27 -2.32
CA SER A 328 -6.64 26.45 -1.16
C SER A 328 -6.80 24.94 -1.41
N LYS A 329 -7.63 24.59 -2.39
CA LYS A 329 -7.86 23.21 -2.78
C LYS A 329 -8.19 23.25 -4.26
N PRO A 330 -7.91 22.16 -5.01
CA PRO A 330 -8.06 22.20 -6.47
C PRO A 330 -9.44 22.65 -6.94
N ALA A 331 -10.50 22.23 -6.26
CA ALA A 331 -11.88 22.53 -6.63
C ALA A 331 -12.16 24.01 -6.84
N ASP A 332 -11.47 24.85 -6.06
CA ASP A 332 -11.70 26.29 -6.14
C ASP A 332 -11.23 26.87 -7.49
N ALA A 333 -10.44 26.13 -8.25
CA ALA A 333 -10.06 26.60 -9.58
C ALA A 333 -11.29 26.64 -10.50
N LEU A 334 -12.39 26.08 -10.00
CA LEU A 334 -13.64 26.01 -10.74
C LEU A 334 -14.31 27.38 -10.86
N ARG A 335 -14.08 28.22 -9.85
CA ARG A 335 -14.61 29.58 -9.81
C ARG A 335 -13.55 30.66 -10.06
N VAL A 336 -12.29 30.36 -9.71
CA VAL A 336 -11.17 31.26 -9.98
C VAL A 336 -10.66 31.19 -11.40
N GLY A 337 -10.59 29.97 -11.95
CA GLY A 337 -9.99 29.73 -13.25
C GLY A 337 -8.72 28.90 -13.13
N PHE A 338 -8.20 28.45 -14.26
CA PHE A 338 -7.10 27.47 -14.26
C PHE A 338 -5.72 28.08 -14.42
N TYR A 339 -4.74 27.43 -13.80
CA TYR A 339 -3.38 27.90 -13.86
C TYR A 339 -2.96 28.05 -15.33
N ARG A 340 -3.63 27.34 -16.22
CA ARG A 340 -3.28 27.40 -17.64
C ARG A 340 -4.32 26.69 -18.50
N ALA A 341 -5.22 27.47 -19.09
CA ALA A 341 -6.23 26.92 -19.99
C ALA A 341 -5.80 27.07 -21.44
N GLN A 342 -6.58 26.50 -22.34
CA GLN A 342 -6.30 26.63 -23.76
C GLN A 342 -7.62 26.34 -24.45
N GLU A 343 -7.69 26.59 -25.75
CA GLU A 343 -8.92 26.28 -26.47
C GLU A 343 -9.20 24.80 -26.21
N THR A 344 -10.40 24.50 -25.72
CA THR A 344 -10.73 23.11 -25.39
C THR A 344 -12.17 22.67 -25.71
N ALA A 345 -12.26 21.58 -26.46
CA ALA A 345 -13.54 20.97 -26.78
C ALA A 345 -13.80 19.70 -25.94
N LEU A 346 -15.04 19.52 -25.51
CA LEU A 346 -15.41 18.41 -24.64
C LEU A 346 -16.73 17.77 -25.07
N ALA A 347 -16.72 16.47 -25.36
CA ALA A 347 -17.95 15.80 -25.82
C ALA A 347 -18.76 15.14 -24.70
N LEU A 348 -20.03 14.87 -24.96
CA LEU A 348 -20.86 14.20 -23.96
C LEU A 348 -21.42 12.87 -24.46
N LEU A 349 -21.37 11.86 -23.60
CA LEU A 349 -21.98 10.58 -23.94
C LEU A 349 -23.01 10.15 -22.89
N ARG A 350 -24.23 9.86 -23.34
CA ARG A 350 -25.28 9.46 -22.41
C ARG A 350 -25.73 8.00 -22.60
N LEU A 351 -25.48 7.18 -21.58
CA LEU A 351 -25.79 5.76 -21.68
C LEU A 351 -27.10 5.42 -20.96
N ASP A 352 -27.75 6.45 -20.42
CA ASP A 352 -29.13 6.36 -19.98
C ASP A 352 -30.07 6.87 -21.09
N GLY A 353 -31.31 7.20 -20.75
CA GLY A 353 -32.24 7.67 -21.77
C GLY A 353 -32.07 9.10 -22.27
N ALA A 354 -31.45 9.94 -21.44
CA ALA A 354 -31.49 11.38 -21.67
C ALA A 354 -30.70 11.87 -22.87
N GLN A 355 -30.88 13.14 -23.23
CA GLN A 355 -30.18 13.65 -24.41
C GLN A 355 -29.14 14.73 -24.19
N GLY A 356 -29.51 15.88 -23.65
CA GLY A 356 -28.57 17.00 -23.59
C GLY A 356 -27.60 17.04 -22.42
N TRP A 357 -26.79 18.11 -22.35
CA TRP A 357 -25.95 18.42 -21.18
C TRP A 357 -26.78 18.98 -20.03
N PRO A 358 -26.76 18.34 -18.86
CA PRO A 358 -27.38 18.96 -17.69
C PRO A 358 -26.94 20.42 -17.58
N GLU A 359 -27.88 21.34 -17.45
CA GLU A 359 -27.53 22.77 -17.56
C GLU A 359 -26.55 23.24 -16.50
N PHE A 360 -26.69 22.74 -15.28
CA PHE A 360 -25.80 23.18 -14.21
C PHE A 360 -24.36 22.78 -14.48
N LEU A 361 -24.18 21.71 -15.24
CA LEU A 361 -22.84 21.29 -15.65
C LEU A 361 -22.38 22.15 -16.78
N ARG A 362 -23.29 22.45 -17.70
CA ARG A 362 -23.00 23.41 -18.73
C ARG A 362 -22.59 24.73 -18.07
N ARG A 363 -23.41 25.23 -17.15
CA ARG A 363 -23.07 26.48 -16.50
C ARG A 363 -21.75 26.39 -15.79
N ALA A 364 -21.62 25.38 -14.92
CA ALA A 364 -20.41 25.18 -14.12
C ALA A 364 -19.11 25.29 -14.92
N LEU A 365 -19.11 24.79 -16.14
CA LEU A 365 -17.90 24.75 -16.96
C LEU A 365 -17.62 26.09 -17.60
N LEU A 366 -18.69 26.78 -18.00
CA LEU A 366 -18.60 28.11 -18.57
C LEU A 366 -18.00 29.06 -17.54
N ARG A 367 -18.58 29.03 -16.34
CA ARG A 367 -18.17 29.91 -15.24
C ARG A 367 -16.69 29.79 -14.92
N ALA A 368 -16.15 28.59 -15.16
CA ALA A 368 -14.76 28.27 -14.88
C ALA A 368 -13.87 28.67 -16.04
N PHE A 369 -14.40 28.50 -17.24
CA PHE A 369 -13.67 28.84 -18.47
C PHE A 369 -13.78 30.32 -18.80
N GLY A 370 -14.89 30.93 -18.37
CA GLY A 370 -15.00 32.37 -18.39
C GLY A 370 -13.83 32.89 -17.58
N ALA A 371 -13.86 32.60 -16.29
CA ALA A 371 -12.83 33.02 -15.35
C ALA A 371 -11.37 32.86 -15.84
N SER A 372 -11.14 31.98 -16.81
CA SER A 372 -9.78 31.70 -17.28
C SER A 372 -9.45 32.50 -18.54
N GLY A 373 -10.47 33.05 -19.20
CA GLY A 373 -10.29 33.77 -20.43
C GLY A 373 -10.19 32.89 -21.66
N ALA A 374 -10.14 31.58 -21.44
CA ALA A 374 -10.00 30.62 -22.53
C ALA A 374 -11.37 30.21 -23.07
N SER A 375 -11.38 29.74 -24.32
CA SER A 375 -12.62 29.44 -25.03
C SER A 375 -12.96 27.96 -24.99
N LEU A 376 -14.23 27.68 -24.70
CA LEU A 376 -14.76 26.33 -24.57
C LEU A 376 -15.67 25.95 -25.76
N ARG A 377 -15.77 24.66 -26.07
CA ARG A 377 -16.81 24.12 -26.96
C ARG A 377 -17.44 22.86 -26.36
N LEU A 378 -18.78 22.76 -26.35
CA LEU A 378 -19.47 21.58 -25.77
C LEU A 378 -20.20 20.69 -26.77
N HIS A 379 -19.50 19.70 -27.32
CA HIS A 379 -20.05 18.75 -28.27
C HIS A 379 -20.93 17.71 -27.59
N THR A 380 -21.77 17.06 -28.39
CA THR A 380 -22.54 15.90 -27.93
C THR A 380 -22.37 14.73 -28.90
N LEU A 381 -22.18 13.54 -28.33
CA LEU A 381 -22.03 12.33 -29.13
C LEU A 381 -23.39 11.68 -29.23
N HIS A 382 -23.88 11.62 -30.47
CA HIS A 382 -25.17 11.05 -30.76
C HIS A 382 -24.95 9.67 -31.31
N ALA A 383 -24.67 8.74 -30.39
CA ALA A 383 -24.28 7.41 -30.77
C ALA A 383 -24.28 6.60 -29.52
N HIS A 384 -24.43 5.30 -29.70
CA HIS A 384 -24.40 4.38 -28.58
C HIS A 384 -23.34 3.37 -28.92
N PRO A 385 -22.73 2.79 -27.91
CA PRO A 385 -21.73 1.79 -28.19
C PRO A 385 -22.37 0.55 -28.85
N SER A 386 -23.66 0.37 -28.64
CA SER A 386 -24.43 -0.73 -29.23
C SER A 386 -24.37 -0.75 -30.78
N GLN A 387 -23.91 0.34 -31.37
CA GLN A 387 -23.91 0.47 -32.82
C GLN A 387 -22.76 -0.27 -33.49
N GLY A 388 -21.79 -0.71 -32.67
CA GLY A 388 -20.62 -1.36 -33.20
C GLY A 388 -19.66 -0.36 -33.81
N LEU A 389 -18.97 -0.79 -34.86
CA LEU A 389 -17.99 0.07 -35.51
C LEU A 389 -18.47 1.49 -35.80
N ALA A 390 -19.76 1.64 -36.08
CA ALA A 390 -20.31 2.96 -36.38
C ALA A 390 -20.13 3.90 -35.18
N PHE A 391 -20.09 3.33 -33.98
CA PHE A 391 -19.86 4.13 -32.79
C PHE A 391 -18.44 4.65 -32.80
N ARG A 392 -17.47 3.82 -33.17
CA ARG A 392 -16.08 4.28 -33.27
C ARG A 392 -15.95 5.37 -34.33
N GLU A 393 -16.71 5.27 -35.41
CA GLU A 393 -16.68 6.34 -36.41
C GLU A 393 -17.16 7.67 -35.81
N ALA A 394 -18.14 7.59 -34.90
CA ALA A 394 -18.65 8.75 -34.18
C ALA A 394 -17.56 9.42 -33.36
N LEU A 395 -16.65 8.60 -32.85
CA LEU A 395 -15.58 9.08 -32.01
C LEU A 395 -14.55 9.69 -32.91
N ARG A 396 -14.18 8.94 -33.95
CA ARG A 396 -13.24 9.43 -34.94
C ARG A 396 -13.61 10.85 -35.38
N LYS A 397 -14.90 11.12 -35.53
CA LYS A 397 -15.38 12.43 -35.96
C LYS A 397 -15.26 13.49 -34.89
N ALA A 398 -15.64 13.16 -33.65
CA ALA A 398 -15.51 14.13 -32.57
C ALA A 398 -14.04 14.49 -32.32
N LYS A 399 -13.17 13.48 -32.39
CA LYS A 399 -11.75 13.74 -32.19
C LYS A 399 -11.26 14.56 -33.36
N GLU A 400 -11.95 14.42 -34.49
CA GLU A 400 -11.66 15.24 -35.66
C GLU A 400 -12.07 16.70 -35.45
N GLU A 401 -13.21 16.95 -34.83
CA GLU A 401 -13.61 18.32 -34.56
C GLU A 401 -12.97 18.80 -33.27
N GLY A 402 -11.83 18.20 -32.94
CA GLY A 402 -11.03 18.60 -31.80
C GLY A 402 -11.59 18.41 -30.40
N VAL A 403 -12.37 17.35 -30.19
CA VAL A 403 -12.74 16.99 -28.83
C VAL A 403 -11.51 16.37 -28.16
N GLN A 404 -11.28 16.65 -26.88
CA GLN A 404 -10.06 16.23 -26.21
C GLN A 404 -10.31 15.17 -25.15
N ALA A 405 -11.56 15.01 -24.77
CA ALA A 405 -11.94 14.07 -23.73
C ALA A 405 -13.44 13.99 -23.72
N VAL A 406 -14.00 12.91 -23.18
CA VAL A 406 -15.46 12.87 -23.05
C VAL A 406 -15.97 12.55 -21.66
N LEU A 407 -17.08 13.19 -21.32
CA LEU A 407 -17.79 12.89 -20.10
C LEU A 407 -18.87 11.89 -20.46
N VAL A 408 -19.11 10.97 -19.54
CA VAL A 408 -20.03 9.88 -19.80
C VAL A 408 -21.02 9.75 -18.67
N LEU A 409 -22.25 10.15 -18.94
CA LEU A 409 -23.33 9.98 -17.99
C LEU A 409 -23.84 8.59 -18.19
N THR A 410 -23.93 7.82 -17.11
CA THR A 410 -24.36 6.45 -17.22
C THR A 410 -24.66 5.93 -15.85
N PRO A 411 -25.64 5.05 -15.73
CA PRO A 411 -25.88 4.35 -14.48
C PRO A 411 -24.67 3.48 -14.18
N PRO A 412 -24.48 3.09 -12.92
CA PRO A 412 -23.32 2.31 -12.52
C PRO A 412 -23.00 1.20 -13.50
N MET A 413 -21.85 1.31 -14.16
CA MET A 413 -21.37 0.27 -15.04
C MET A 413 -20.74 -0.88 -14.27
N ALA A 414 -20.64 -2.03 -14.93
CA ALA A 414 -19.93 -3.14 -14.36
C ALA A 414 -18.48 -3.01 -14.78
N TRP A 415 -17.58 -3.52 -13.94
CA TRP A 415 -16.16 -3.47 -14.25
C TRP A 415 -15.88 -3.83 -15.69
N GLU A 416 -16.36 -4.98 -16.11
CA GLU A 416 -15.99 -5.52 -17.40
C GLU A 416 -16.44 -4.62 -18.55
N ASP A 417 -17.59 -3.97 -18.39
CA ASP A 417 -18.08 -3.03 -19.40
C ASP A 417 -17.32 -1.72 -19.28
N ARG A 418 -17.32 -1.20 -18.06
CA ARG A 418 -16.55 -0.02 -17.75
C ARG A 418 -15.17 -0.02 -18.41
N ASN A 419 -14.36 -1.04 -18.15
CA ASN A 419 -13.07 -1.15 -18.80
C ASN A 419 -13.18 -1.14 -20.32
N ARG A 420 -14.13 -1.90 -20.87
CA ARG A 420 -14.18 -2.08 -22.33
C ARG A 420 -14.45 -0.76 -23.06
N LEU A 421 -15.26 0.08 -22.43
CA LEU A 421 -15.64 1.36 -22.98
C LEU A 421 -14.47 2.32 -22.91
N LYS A 422 -13.87 2.41 -21.73
CA LYS A 422 -12.73 3.29 -21.50
C LYS A 422 -11.65 2.99 -22.53
N ALA A 423 -11.44 1.69 -22.75
CA ALA A 423 -10.35 1.22 -23.60
C ALA A 423 -10.67 1.51 -25.05
N LEU A 424 -11.96 1.46 -25.34
CA LEU A 424 -12.47 1.77 -26.67
C LEU A 424 -12.18 3.21 -27.06
N LEU A 425 -12.59 4.17 -26.23
CA LEU A 425 -12.37 5.59 -26.51
C LEU A 425 -10.90 5.95 -26.65
N LEU A 426 -10.10 5.45 -25.73
CA LEU A 426 -8.66 5.64 -25.79
C LEU A 426 -8.08 5.19 -27.12
N ARG A 427 -8.74 4.24 -27.76
CA ARG A 427 -8.23 3.78 -29.05
C ARG A 427 -8.39 4.88 -30.12
N GLU A 428 -9.31 5.80 -29.86
CA GLU A 428 -9.50 6.95 -30.72
C GLU A 428 -8.82 8.20 -30.14
N GLY A 429 -8.02 8.01 -29.08
CA GLY A 429 -7.27 9.09 -28.46
C GLY A 429 -8.09 9.88 -27.44
N LEU A 430 -9.20 9.31 -27.00
CA LEU A 430 -10.15 10.04 -26.17
C LEU A 430 -10.31 9.51 -24.74
N PRO A 431 -9.70 10.21 -23.77
CA PRO A 431 -9.94 10.04 -22.34
C PRO A 431 -11.39 10.29 -21.95
N SER A 432 -11.88 9.48 -21.02
CA SER A 432 -13.27 9.52 -20.58
C SER A 432 -13.32 9.61 -19.07
N GLN A 433 -14.32 10.35 -18.57
CA GLN A 433 -14.59 10.45 -17.15
C GLN A 433 -16.06 10.11 -16.91
N ILE A 434 -16.31 9.00 -16.22
CA ILE A 434 -17.66 8.52 -15.93
C ILE A 434 -18.21 9.32 -14.76
N LEU A 435 -19.48 9.66 -14.88
CA LEU A 435 -20.25 10.29 -13.82
C LEU A 435 -21.55 9.50 -13.78
N ASN A 436 -21.87 8.89 -12.64
CA ASN A 436 -23.00 7.97 -12.61
C ASN A 436 -24.34 8.71 -12.57
N VAL A 437 -25.36 8.06 -13.13
CA VAL A 437 -26.53 8.74 -13.71
C VAL A 437 -27.52 9.39 -12.77
N PRO A 438 -28.04 8.65 -11.77
CA PRO A 438 -28.92 9.44 -10.90
C PRO A 438 -28.07 10.58 -10.29
N LEU A 439 -28.28 11.81 -10.78
CA LEU A 439 -27.45 12.97 -10.45
C LEU A 439 -28.27 14.23 -10.15
N ARG A 440 -27.94 14.95 -9.07
CA ARG A 440 -28.68 16.17 -8.66
C ARG A 440 -27.71 17.33 -8.34
N GLU A 441 -28.10 18.57 -8.62
CA GLU A 441 -27.22 19.71 -8.39
C GLU A 441 -26.57 19.68 -7.01
N GLU A 442 -27.28 19.18 -6.02
CA GLU A 442 -26.79 19.22 -4.65
C GLU A 442 -25.67 18.24 -4.38
N GLU A 443 -25.58 17.21 -5.22
CA GLU A 443 -24.45 16.29 -5.16
C GLU A 443 -23.23 17.01 -5.73
N ARG A 444 -22.87 18.12 -5.12
CA ARG A 444 -21.92 19.06 -5.71
C ARG A 444 -20.51 18.49 -5.71
N HIS A 445 -20.15 17.78 -4.65
CA HIS A 445 -18.81 17.25 -4.50
C HIS A 445 -18.53 16.14 -5.52
N ARG A 446 -19.55 15.32 -5.80
CA ARG A 446 -19.47 14.32 -6.85
C ARG A 446 -19.10 14.95 -8.18
N TRP A 447 -19.98 15.79 -8.69
CA TRP A 447 -19.83 16.25 -10.06
C TRP A 447 -18.69 17.24 -10.29
N GLU A 448 -18.26 17.90 -9.21
CA GLU A 448 -17.13 18.81 -9.33
C GLU A 448 -15.81 18.02 -9.45
N ASN A 449 -15.70 16.92 -8.70
CA ASN A 449 -14.57 15.99 -8.87
C ASN A 449 -14.59 15.32 -10.24
N ALA A 450 -15.80 15.12 -10.76
CA ALA A 450 -15.97 14.57 -12.10
C ALA A 450 -15.50 15.58 -13.13
N LEU A 451 -15.73 16.86 -12.83
CA LEU A 451 -15.38 17.94 -13.74
C LEU A 451 -13.88 18.18 -13.79
N LEU A 452 -13.26 18.20 -12.60
CA LEU A 452 -11.81 18.26 -12.47
C LEU A 452 -11.15 17.12 -13.24
N GLY A 453 -11.65 15.90 -13.02
CA GLY A 453 -11.15 14.73 -13.72
C GLY A 453 -11.27 14.85 -15.23
N LEU A 454 -12.39 15.40 -15.69
CA LEU A 454 -12.61 15.61 -17.12
C LEU A 454 -11.58 16.59 -17.66
N LEU A 455 -11.38 17.70 -16.95
CA LEU A 455 -10.44 18.73 -17.41
C LEU A 455 -8.96 18.29 -17.41
N ALA A 456 -8.60 17.51 -16.39
CA ALA A 456 -7.30 16.84 -16.31
C ALA A 456 -7.12 15.85 -17.46
N LYS A 457 -8.18 15.13 -17.78
CA LYS A 457 -8.13 14.23 -18.92
C LYS A 457 -8.07 14.99 -20.23
N ALA A 458 -8.52 16.25 -20.22
CA ALA A 458 -8.45 17.08 -21.43
C ALA A 458 -7.07 17.71 -21.67
N GLY A 459 -6.26 17.86 -20.62
CA GLY A 459 -4.90 18.31 -20.78
C GLY A 459 -4.62 19.63 -20.08
N LEU A 460 -5.61 20.10 -19.32
CA LEU A 460 -5.55 21.41 -18.68
C LEU A 460 -4.74 21.33 -17.39
N GLN A 461 -3.94 22.37 -17.12
CA GLN A 461 -3.28 22.49 -15.81
C GLN A 461 -4.28 23.15 -14.89
N VAL A 462 -4.86 22.40 -13.97
CA VAL A 462 -5.86 22.99 -13.09
C VAL A 462 -5.16 23.94 -12.10
N VAL A 463 -4.25 23.39 -11.30
CA VAL A 463 -3.53 24.19 -10.31
C VAL A 463 -2.06 23.85 -10.39
N ALA A 464 -1.23 24.67 -9.76
CA ALA A 464 0.21 24.41 -9.72
C ALA A 464 0.83 25.07 -8.50
N LEU A 465 2.12 24.86 -8.31
CA LEU A 465 2.78 25.40 -7.13
C LEU A 465 3.55 26.66 -7.46
N SER A 466 3.22 27.73 -6.75
CA SER A 466 4.08 28.91 -6.74
C SER A 466 5.13 28.67 -5.67
N GLY A 467 6.39 28.70 -6.07
CA GLY A 467 7.44 28.45 -5.11
C GLY A 467 8.73 28.07 -5.78
N ALA A 468 9.78 28.01 -4.98
CA ALA A 468 11.09 27.63 -5.50
C ALA A 468 11.56 26.40 -4.75
N TYR A 469 11.97 25.40 -5.51
CA TYR A 469 12.30 24.10 -4.96
C TYR A 469 13.62 23.65 -5.55
N PRO A 470 14.36 22.79 -4.83
CA PRO A 470 15.67 22.29 -5.23
C PRO A 470 15.68 21.70 -6.65
N ALA A 471 14.70 20.84 -6.93
CA ALA A 471 14.61 20.18 -8.23
C ALA A 471 13.42 20.68 -9.05
N GLU A 472 13.70 20.96 -10.33
CA GLU A 472 12.69 21.42 -11.28
C GLU A 472 11.91 20.28 -11.86
N LEU A 473 12.45 19.06 -11.75
CA LEU A 473 11.76 17.89 -12.24
C LEU A 473 11.50 16.91 -11.09
N ALA A 474 10.25 16.48 -10.94
CA ALA A 474 9.90 15.41 -10.00
C ALA A 474 9.26 14.21 -10.69
N VAL A 475 9.98 13.10 -10.84
CA VAL A 475 9.36 11.87 -11.38
C VAL A 475 9.08 10.73 -10.38
N GLY A 476 7.83 10.27 -10.34
CA GLY A 476 7.43 9.07 -9.60
C GLY A 476 7.50 7.75 -10.39
N PHE A 477 7.89 6.68 -9.69
CA PHE A 477 8.02 5.35 -10.27
C PHE A 477 7.16 4.35 -9.52
N ASP A 478 6.43 3.50 -10.23
CA ASP A 478 5.69 2.42 -9.60
C ASP A 478 5.66 1.16 -10.48
N ALA A 479 5.13 0.06 -9.95
CA ALA A 479 5.05 -1.21 -10.70
C ALA A 479 3.82 -1.96 -10.23
N GLY A 480 3.06 -2.55 -11.16
CA GLY A 480 1.84 -3.22 -10.75
C GLY A 480 0.85 -3.63 -11.83
N GLY A 481 -0.20 -4.33 -11.40
CA GLY A 481 -1.08 -5.07 -12.31
C GLY A 481 -1.31 -6.47 -11.73
N ARG A 482 -2.56 -6.87 -11.63
CA ARG A 482 -2.91 -8.06 -10.88
C ARG A 482 -2.24 -9.30 -11.43
N GLU A 483 -1.99 -9.29 -12.71
CA GLU A 483 -1.76 -10.52 -13.44
C GLU A 483 -0.39 -11.09 -13.26
N SER A 484 -0.10 -12.06 -14.10
CA SER A 484 1.12 -12.87 -14.04
C SER A 484 2.36 -11.99 -14.18
N PHE A 485 2.23 -10.92 -14.96
CA PHE A 485 3.30 -9.97 -15.24
C PHE A 485 2.82 -8.62 -14.73
N ARG A 486 3.74 -7.69 -14.52
CA ARG A 486 3.37 -6.34 -14.09
C ARG A 486 3.71 -5.31 -15.14
N PHE A 487 3.37 -4.06 -14.87
CA PHE A 487 3.93 -2.93 -15.60
C PHE A 487 4.77 -2.06 -14.68
N GLY A 488 5.92 -1.62 -15.18
CA GLY A 488 6.69 -0.55 -14.55
C GLY A 488 6.45 0.76 -15.29
N GLY A 489 6.05 1.80 -14.56
CA GLY A 489 5.77 3.08 -15.20
C GLY A 489 6.20 4.31 -14.43
N ALA A 490 6.14 5.48 -15.07
CA ALA A 490 6.48 6.76 -14.43
C ALA A 490 5.52 7.90 -14.82
N ALA A 491 5.18 8.74 -13.86
CA ALA A 491 4.54 10.02 -14.15
C ALA A 491 5.52 11.10 -13.68
N CYS A 492 5.20 12.36 -13.96
CA CYS A 492 6.13 13.42 -13.56
C CYS A 492 5.49 14.79 -13.54
N ALA A 493 6.14 15.69 -12.79
CA ALA A 493 5.73 17.09 -12.68
C ALA A 493 6.89 17.94 -13.19
N VAL A 494 6.66 18.64 -14.30
CA VAL A 494 7.72 19.32 -15.04
C VAL A 494 7.79 20.79 -14.71
N GLY A 495 9.02 21.26 -14.46
CA GLY A 495 9.23 22.61 -14.01
C GLY A 495 8.88 22.67 -12.55
N GLY A 496 9.83 23.15 -11.73
CA GLY A 496 9.59 23.44 -10.33
C GLY A 496 8.47 24.46 -10.30
N ASP A 497 8.38 25.26 -11.35
CA ASP A 497 7.54 26.44 -11.36
C ASP A 497 6.13 25.95 -11.55
N GLY A 498 5.59 25.51 -10.42
CA GLY A 498 4.33 24.82 -10.33
C GLY A 498 4.45 23.34 -10.71
N GLY A 499 3.86 23.01 -11.86
CA GLY A 499 4.07 21.76 -12.56
C GLY A 499 3.53 21.79 -13.98
N HIS A 500 3.98 20.85 -14.80
CA HIS A 500 3.23 20.36 -15.93
C HIS A 500 3.22 18.91 -15.67
N LEU A 501 2.05 18.31 -15.48
CA LEU A 501 1.96 16.85 -15.33
C LEU A 501 1.91 16.01 -16.61
N LEU A 502 2.81 15.01 -16.68
CA LEU A 502 2.90 14.05 -17.79
C LEU A 502 3.02 12.60 -17.32
N TRP A 503 2.51 11.68 -18.15
CA TRP A 503 2.73 10.26 -17.97
C TRP A 503 3.59 9.75 -19.13
N THR A 504 4.24 8.62 -18.96
CA THR A 504 5.01 8.03 -20.05
C THR A 504 4.51 6.61 -20.27
N LEU A 505 4.73 6.04 -21.47
CA LEU A 505 4.37 4.64 -21.77
C LEU A 505 5.06 3.65 -20.85
N PRO A 506 4.28 2.94 -20.03
CA PRO A 506 4.85 1.92 -19.15
C PRO A 506 5.44 0.78 -19.96
N GLU A 507 6.09 -0.16 -19.29
CA GLU A 507 6.67 -1.32 -19.93
C GLU A 507 6.41 -2.57 -19.08
N ALA A 508 6.13 -3.68 -19.75
CA ALA A 508 5.81 -4.96 -19.10
C ALA A 508 7.02 -5.64 -18.48
N GLN A 509 6.83 -6.17 -17.28
CA GLN A 509 7.92 -6.84 -16.59
C GLN A 509 7.41 -8.02 -15.80
N ALA A 510 8.33 -8.91 -15.45
CA ALA A 510 8.04 -10.14 -14.72
C ALA A 510 7.59 -9.93 -13.26
N GLY A 511 8.29 -9.04 -12.54
CA GLY A 511 8.05 -8.84 -11.12
C GLY A 511 7.78 -7.42 -10.74
N GLU A 512 7.86 -7.12 -9.44
CA GLU A 512 7.74 -5.75 -8.97
C GLU A 512 9.00 -4.95 -9.30
N ARG A 513 10.13 -5.63 -9.35
CA ARG A 513 11.37 -4.96 -9.71
C ARG A 513 11.44 -4.40 -11.14
N ILE A 514 11.40 -3.07 -11.27
CA ILE A 514 11.64 -2.42 -12.54
C ILE A 514 13.09 -2.67 -12.96
N PRO A 515 13.30 -3.13 -14.20
CA PRO A 515 14.62 -3.35 -14.81
C PRO A 515 15.42 -2.07 -14.90
N GLN A 516 16.73 -2.16 -14.74
CA GLN A 516 17.53 -0.95 -14.74
C GLN A 516 17.48 -0.19 -16.07
N GLU A 517 17.59 -0.91 -17.17
CA GLU A 517 17.58 -0.25 -18.46
C GLU A 517 16.26 0.49 -18.61
N VAL A 518 15.22 -0.09 -18.03
CA VAL A 518 13.87 0.42 -18.21
C VAL A 518 13.64 1.65 -17.35
N VAL A 519 14.22 1.64 -16.14
CA VAL A 519 14.12 2.79 -15.22
C VAL A 519 14.74 4.02 -15.85
N TRP A 520 15.92 3.83 -16.42
CA TRP A 520 16.61 4.92 -17.10
C TRP A 520 15.83 5.42 -18.32
N ASP A 521 15.28 4.50 -19.11
CA ASP A 521 14.54 4.90 -20.29
C ASP A 521 13.34 5.75 -19.91
N LEU A 522 12.51 5.28 -19.01
CA LEU A 522 11.40 6.09 -18.52
C LEU A 522 11.92 7.42 -17.97
N LEU A 523 13.06 7.38 -17.31
CA LEU A 523 13.61 8.59 -16.73
C LEU A 523 13.97 9.56 -17.83
N GLU A 524 14.65 9.04 -18.84
CA GLU A 524 15.10 9.84 -19.97
C GLU A 524 13.93 10.52 -20.69
N GLU A 525 12.75 9.91 -20.62
CA GLU A 525 11.57 10.47 -21.24
C GLU A 525 11.12 11.69 -20.47
N THR A 526 11.19 11.58 -19.16
CA THR A 526 10.85 12.69 -18.28
C THR A 526 11.80 13.85 -18.51
N LEU A 527 13.10 13.55 -18.57
CA LEU A 527 14.10 14.55 -18.89
C LEU A 527 13.74 15.26 -20.17
N TRP A 528 13.62 14.50 -21.25
CA TRP A 528 13.30 15.06 -22.55
C TRP A 528 12.04 15.90 -22.51
N ALA A 529 11.04 15.46 -21.77
CA ALA A 529 9.87 16.27 -21.53
C ALA A 529 10.22 17.65 -20.95
N PHE A 530 11.25 17.70 -20.11
CA PHE A 530 11.63 18.96 -19.47
C PHE A 530 12.38 19.82 -20.45
N ARG A 531 13.25 19.19 -21.23
CA ARG A 531 14.02 19.89 -22.24
C ARG A 531 13.13 20.59 -23.23
N ARG A 532 11.93 20.06 -23.45
CA ARG A 532 11.08 20.66 -24.47
C ARG A 532 10.04 21.66 -23.95
N LYS A 533 10.15 22.06 -22.69
CA LYS A 533 9.30 23.14 -22.19
C LYS A 533 10.18 24.31 -21.72
N ALA A 534 11.39 23.97 -21.28
CA ALA A 534 12.44 24.95 -20.99
C ALA A 534 13.62 24.46 -21.82
N GLY A 535 14.26 25.33 -22.56
CA GLY A 535 15.17 24.86 -23.60
C GLY A 535 16.49 24.30 -23.10
N ARG A 536 16.45 23.70 -21.92
CA ARG A 536 17.64 23.32 -21.21
C ARG A 536 17.36 22.09 -20.40
N LEU A 537 18.41 21.41 -19.95
CA LEU A 537 18.25 20.30 -19.02
C LEU A 537 17.94 20.85 -17.63
N PRO A 538 17.32 20.01 -16.78
CA PRO A 538 17.09 20.40 -15.39
C PRO A 538 18.41 20.29 -14.68
N SER A 539 18.63 21.11 -13.66
CA SER A 539 19.88 21.04 -12.90
C SER A 539 19.82 19.88 -11.88
N ARG A 540 18.67 19.72 -11.25
CA ARG A 540 18.49 18.61 -10.33
C ARG A 540 17.07 18.01 -10.45
N VAL A 541 17.00 16.68 -10.44
CA VAL A 541 15.70 16.01 -10.42
C VAL A 541 15.47 15.24 -9.11
N LEU A 542 14.18 15.06 -8.78
CA LEU A 542 13.78 14.33 -7.59
C LEU A 542 13.07 13.04 -7.98
N LEU A 543 13.67 11.92 -7.56
CA LEU A 543 13.23 10.57 -7.92
C LEU A 543 12.41 9.94 -6.80
N LEU A 544 11.22 9.45 -7.11
CA LEU A 544 10.35 8.90 -6.09
C LEU A 544 9.91 7.46 -6.38
N ARG A 545 10.29 6.50 -5.54
CA ARG A 545 9.71 5.15 -5.60
C ARG A 545 8.73 4.83 -4.51
N GLU A 546 7.68 4.11 -4.85
CA GLU A 546 6.72 3.70 -3.84
C GLU A 546 7.07 2.35 -3.24
N GLY A 547 7.31 2.34 -1.93
CA GLY A 547 7.73 1.17 -1.20
C GLY A 547 9.24 0.99 -1.23
N ARG A 548 9.70 -0.05 -0.54
CA ARG A 548 11.08 -0.47 -0.56
C ARG A 548 11.61 -0.40 -1.99
N VAL A 549 12.79 0.20 -2.18
CA VAL A 549 13.45 0.18 -3.47
C VAL A 549 14.27 -1.12 -3.65
N PRO A 550 13.91 -1.97 -4.63
CA PRO A 550 14.65 -3.20 -4.91
C PRO A 550 16.11 -2.86 -5.11
N GLN A 551 17.02 -3.51 -4.40
CA GLN A 551 18.40 -3.03 -4.37
C GLN A 551 18.97 -2.85 -5.76
N ASP A 552 19.55 -1.68 -6.01
CA ASP A 552 20.23 -1.42 -7.28
C ASP A 552 19.34 -1.05 -8.47
N GLU A 553 18.02 -1.03 -8.24
CA GLU A 553 17.05 -0.66 -9.26
C GLU A 553 17.45 0.62 -10.02
N PHE A 554 17.93 1.64 -9.32
CA PHE A 554 18.29 2.91 -9.97
C PHE A 554 19.78 3.07 -10.26
N ALA A 555 20.52 1.97 -10.20
CA ALA A 555 21.94 1.98 -10.51
C ALA A 555 22.29 2.72 -11.82
N LEU A 556 21.91 2.18 -12.98
CA LEU A 556 22.14 2.86 -14.28
C LEU A 556 21.59 4.28 -14.34
N ALA A 557 20.34 4.45 -13.92
CA ALA A 557 19.68 5.72 -14.07
C ALA A 557 20.49 6.78 -13.36
N LEU A 558 21.01 6.43 -12.19
CA LEU A 558 21.80 7.38 -11.42
C LEU A 558 23.17 7.64 -12.06
N GLU A 559 23.82 6.61 -12.56
CA GLU A 559 25.08 6.81 -13.25
C GLU A 559 24.85 7.66 -14.49
N ALA A 560 23.80 7.31 -15.25
CA ALA A 560 23.48 8.07 -16.42
C ALA A 560 23.25 9.55 -16.09
N LEU A 561 22.51 9.83 -15.02
CA LEU A 561 22.26 11.21 -14.59
C LEU A 561 23.56 11.93 -14.34
N ALA A 562 24.48 11.24 -13.66
CA ALA A 562 25.81 11.77 -13.34
C ALA A 562 26.59 12.22 -14.58
N ARG A 563 26.69 11.33 -15.58
CA ARG A 563 27.43 11.63 -16.79
C ARG A 563 26.79 12.75 -17.59
N GLU A 564 25.54 13.08 -17.29
CA GLU A 564 24.86 14.16 -17.99
C GLU A 564 24.92 15.40 -17.13
N GLY A 565 25.59 15.26 -15.99
CA GLY A 565 25.76 16.37 -15.08
C GLY A 565 24.44 16.88 -14.54
N ILE A 566 23.51 15.96 -14.25
CA ILE A 566 22.27 16.35 -13.56
C ILE A 566 22.28 15.88 -12.10
N ALA A 567 21.93 16.79 -11.19
CA ALA A 567 21.97 16.47 -9.78
C ALA A 567 20.73 15.68 -9.41
N TYR A 568 20.87 14.82 -8.41
CA TYR A 568 19.74 14.00 -8.04
C TYR A 568 19.59 13.69 -6.55
N ASP A 569 18.40 13.19 -6.22
CA ASP A 569 18.09 12.62 -4.93
C ASP A 569 17.04 11.53 -5.18
N LEU A 570 17.30 10.34 -4.64
CA LEU A 570 16.36 9.24 -4.67
C LEU A 570 15.68 9.11 -3.32
N VAL A 571 14.35 9.02 -3.31
CA VAL A 571 13.65 8.82 -2.03
C VAL A 571 12.65 7.67 -2.08
N SER A 572 12.73 6.79 -1.10
CA SER A 572 11.77 5.70 -0.98
C SER A 572 10.61 6.12 -0.10
N VAL A 573 9.40 6.03 -0.65
CA VAL A 573 8.22 6.55 0.01
C VAL A 573 7.31 5.40 0.38
N ARG A 574 7.21 5.13 1.67
CA ARG A 574 6.46 4.00 2.15
C ARG A 574 5.20 4.44 2.85
N LYS A 575 4.09 3.77 2.59
CA LYS A 575 2.81 4.10 3.22
C LYS A 575 2.62 3.29 4.50
N SER A 576 3.37 2.20 4.61
CA SER A 576 3.33 1.31 5.75
C SER A 576 4.61 1.55 6.49
N GLY A 577 4.58 1.37 7.80
CA GLY A 577 5.82 1.27 8.57
C GLY A 577 6.23 2.58 9.16
N GLY A 578 5.45 3.62 8.87
CA GLY A 578 5.67 4.92 9.45
C GLY A 578 5.33 4.95 10.95
N GLY A 579 4.72 3.88 11.46
CA GLY A 579 4.32 3.84 12.84
C GLY A 579 3.25 4.87 13.16
N ARG A 580 3.23 5.33 14.41
CA ARG A 580 2.27 6.35 14.81
C ARG A 580 2.97 7.56 15.40
N VAL A 581 2.32 8.71 15.35
CA VAL A 581 2.89 9.94 15.89
C VAL A 581 1.83 10.68 16.70
N TYR A 582 2.15 10.95 17.96
CA TYR A 582 1.20 11.56 18.88
C TYR A 582 1.75 12.88 19.43
N PRO A 583 0.86 13.85 19.69
CA PRO A 583 1.21 15.14 20.30
C PRO A 583 1.56 14.97 21.77
N VAL A 584 2.63 15.61 22.23
CA VAL A 584 2.97 15.59 23.67
C VAL A 584 1.86 16.26 24.47
N GLN A 585 1.39 17.38 23.95
CA GLN A 585 0.21 18.08 24.48
C GLN A 585 -0.43 18.96 23.40
N GLY A 586 -1.73 18.80 23.16
CA GLY A 586 -2.44 19.62 22.20
C GLY A 586 -2.95 18.90 20.97
N ARG A 587 -2.97 19.58 19.83
CA ARG A 587 -3.33 18.91 18.60
C ARG A 587 -2.27 19.08 17.54
N LEU A 588 -2.11 18.05 16.72
CA LEU A 588 -1.03 18.01 15.72
C LEU A 588 -1.40 18.78 14.43
N ALA A 589 -0.41 19.40 13.80
CA ALA A 589 -0.66 20.25 12.63
C ALA A 589 -0.51 19.53 11.29
N ASP A 590 -1.29 19.97 10.30
CA ASP A 590 -1.26 19.38 8.97
C ASP A 590 -0.01 19.80 8.18
N GLY A 591 1.07 19.03 8.30
CA GLY A 591 2.26 19.28 7.50
C GLY A 591 3.57 19.01 8.24
N LEU A 592 3.46 18.15 9.24
CA LEU A 592 4.53 17.90 10.19
C LEU A 592 5.64 16.97 9.67
N TYR A 593 6.87 17.49 9.64
CA TYR A 593 8.08 16.73 9.31
C TYR A 593 8.64 16.10 10.59
N VAL A 594 9.31 14.96 10.49
CA VAL A 594 9.85 14.32 11.70
C VAL A 594 11.05 13.44 11.41
N PRO A 595 12.25 14.02 11.44
CA PRO A 595 13.47 13.24 11.18
C PRO A 595 13.60 12.12 12.19
N LEU A 596 14.00 10.93 11.75
CA LEU A 596 14.04 9.79 12.65
C LEU A 596 15.43 9.33 12.90
N GLU A 597 15.85 8.37 12.09
CA GLU A 597 17.21 7.91 12.09
C GLU A 597 17.95 8.84 11.14
N ASP A 598 19.09 8.36 10.65
CA ASP A 598 19.80 9.06 9.62
C ASP A 598 19.15 8.68 8.28
N LYS A 599 18.96 9.69 7.42
CA LYS A 599 18.47 9.48 6.06
C LYS A 599 17.02 9.01 6.05
N THR A 600 16.30 9.18 7.15
CA THR A 600 14.92 8.70 7.17
C THR A 600 13.99 9.54 8.05
N PHE A 601 12.89 9.99 7.48
CA PHE A 601 12.01 10.87 8.22
C PHE A 601 10.57 10.53 7.96
N LEU A 602 9.69 11.04 8.80
CA LEU A 602 8.27 10.85 8.58
C LEU A 602 7.70 12.13 8.01
N LEU A 603 6.43 12.12 7.61
CA LEU A 603 5.68 13.23 7.08
C LEU A 603 4.23 13.01 7.38
N LEU A 604 3.54 13.90 8.08
CA LEU A 604 2.15 13.70 8.42
C LEU A 604 1.27 14.84 7.93
N THR A 605 0.32 14.53 7.04
CA THR A 605 -0.57 15.56 6.50
C THR A 605 -2.05 15.20 6.69
N VAL A 606 -2.49 15.08 7.95
CA VAL A 606 -3.85 14.63 8.23
C VAL A 606 -4.80 15.67 8.85
N ARG A 611 -10.99 11.99 11.44
CA ARG A 611 -11.80 11.51 12.54
C ARG A 611 -11.37 10.12 12.97
N GLY A 612 -10.15 9.74 12.61
CA GLY A 612 -9.48 8.55 13.16
C GLY A 612 -8.05 8.74 13.64
N THR A 613 -7.22 7.72 13.52
CA THR A 613 -5.78 7.89 13.77
C THR A 613 -4.94 7.81 12.46
N PRO A 614 -4.11 8.84 12.19
CA PRO A 614 -3.37 8.97 10.93
C PRO A 614 -2.20 8.00 10.79
N ARG A 615 -1.87 7.63 9.56
CA ARG A 615 -0.63 6.91 9.30
C ARG A 615 0.37 7.84 8.59
N PRO A 616 1.50 8.13 9.25
CA PRO A 616 2.60 8.89 8.63
C PRO A 616 3.24 8.14 7.48
N LEU A 617 3.57 8.89 6.45
CA LEU A 617 4.40 8.38 5.37
C LEU A 617 5.81 8.17 5.90
N LYS A 618 6.39 6.98 5.70
CA LYS A 618 7.80 6.82 6.04
C LYS A 618 8.63 7.10 4.79
N LEU A 619 9.64 7.97 4.91
CA LEU A 619 10.47 8.30 3.76
C LEU A 619 11.91 8.01 3.99
N VAL A 620 12.58 7.44 3.00
CA VAL A 620 13.98 7.10 3.14
C VAL A 620 14.83 7.69 2.02
N HIS A 621 15.82 8.48 2.42
CA HIS A 621 16.73 9.10 1.47
C HIS A 621 17.72 8.02 1.06
N GLU A 622 17.52 7.48 -0.13
CA GLU A 622 18.35 6.40 -0.61
C GLU A 622 19.60 6.89 -1.33
N ALA A 623 19.53 8.06 -1.98
CA ALA A 623 20.70 8.64 -2.65
C ALA A 623 20.60 10.15 -2.82
N GLY A 624 21.75 10.78 -3.06
CA GLY A 624 21.79 12.23 -3.20
C GLY A 624 22.18 12.98 -1.94
N ASP A 625 22.49 14.26 -2.11
CA ASP A 625 23.03 15.08 -1.02
C ASP A 625 22.11 16.27 -0.75
N THR A 626 20.90 16.01 -0.27
CA THR A 626 19.98 17.10 0.01
C THR A 626 19.43 16.98 1.42
N PRO A 627 19.38 18.10 2.13
CA PRO A 627 18.78 18.21 3.45
C PRO A 627 17.44 17.49 3.52
N LEU A 628 17.33 16.52 4.42
CA LEU A 628 16.06 15.89 4.66
C LEU A 628 14.92 16.90 4.72
N GLU A 629 15.18 18.08 5.26
CA GLU A 629 14.13 19.11 5.40
C GLU A 629 13.71 19.61 4.02
N ALA A 630 14.69 19.88 3.18
CA ALA A 630 14.46 20.33 1.82
C ALA A 630 13.58 19.36 1.02
N LEU A 631 13.82 18.06 1.23
CA LEU A 631 13.12 17.02 0.52
C LEU A 631 11.71 16.95 1.06
N ALA A 632 11.58 16.90 2.37
CA ALA A 632 10.27 16.84 2.99
C ALA A 632 9.42 18.01 2.48
N HIS A 633 10.08 19.14 2.27
CA HIS A 633 9.41 20.34 1.81
C HIS A 633 8.75 20.13 0.44
N GLN A 634 9.56 19.83 -0.55
CA GLN A 634 9.09 19.54 -1.89
C GLN A 634 7.99 18.48 -1.82
N ILE A 635 8.37 17.28 -1.38
CA ILE A 635 7.44 16.15 -1.24
C ILE A 635 6.07 16.55 -0.67
N PHE A 636 6.04 16.97 0.59
CA PHE A 636 4.80 17.48 1.15
C PHE A 636 4.05 18.42 0.19
N HIS A 637 4.77 19.33 -0.47
CA HIS A 637 4.13 20.27 -1.38
C HIS A 637 3.53 19.60 -2.62
N LEU A 638 4.33 18.75 -3.28
CA LEU A 638 3.83 17.94 -4.40
C LEU A 638 2.55 17.22 -4.02
N THR A 639 2.37 16.99 -2.72
CA THR A 639 1.12 16.43 -2.27
C THR A 639 -0.09 17.21 -2.78
N ARG A 640 0.08 18.50 -3.06
CA ARG A 640 -1.07 19.35 -3.39
C ARG A 640 -1.39 19.47 -4.89
N LEU A 641 -0.46 19.05 -5.73
CA LEU A 641 -0.56 19.15 -7.19
C LEU A 641 -1.64 18.26 -7.84
N TYR A 642 -1.98 17.15 -7.19
CA TYR A 642 -2.95 16.23 -7.75
C TYR A 642 -4.25 16.99 -8.03
N PRO A 643 -4.66 17.01 -9.32
CA PRO A 643 -5.76 17.79 -9.89
C PRO A 643 -7.14 17.17 -9.78
N ALA A 644 -7.26 15.87 -9.49
CA ALA A 644 -8.58 15.26 -9.36
C ALA A 644 -8.96 15.00 -7.90
N SER A 645 -8.07 15.39 -6.98
CA SER A 645 -8.26 15.16 -5.55
C SER A 645 -9.49 15.89 -5.10
N GLY A 646 -9.58 17.16 -5.53
CA GLY A 646 -10.77 17.99 -5.34
C GLY A 646 -10.89 18.74 -4.02
N PHE A 647 -11.24 18.01 -2.97
CA PHE A 647 -11.48 18.59 -1.67
C PHE A 647 -10.67 17.86 -0.62
N ALA A 648 -9.64 17.16 -1.09
CA ALA A 648 -8.77 16.38 -0.23
C ALA A 648 -7.53 15.96 -0.99
N PHE A 649 -6.37 16.17 -0.40
CA PHE A 649 -5.10 15.83 -1.06
C PHE A 649 -4.68 14.37 -0.87
N PRO A 650 -4.04 13.78 -1.88
CA PRO A 650 -3.55 12.43 -1.63
C PRO A 650 -2.38 12.46 -0.64
N ARG A 651 -2.26 11.39 0.12
CA ARG A 651 -1.18 11.21 1.05
C ARG A 651 0.18 11.20 0.34
N LEU A 652 0.20 10.85 -0.94
CA LEU A 652 1.46 10.87 -1.70
C LEU A 652 1.63 11.96 -2.76
N PRO A 653 2.89 12.35 -3.02
CA PRO A 653 3.18 13.42 -3.97
C PRO A 653 2.45 13.13 -5.25
N ALA A 654 1.83 14.15 -5.84
CA ALA A 654 1.20 14.00 -7.15
C ALA A 654 1.97 13.12 -8.18
N PRO A 655 3.28 13.34 -8.35
CA PRO A 655 3.91 12.52 -9.39
C PRO A 655 4.01 11.04 -9.05
N LEU A 656 3.91 10.67 -7.78
CA LEU A 656 3.97 9.27 -7.43
C LEU A 656 2.57 8.68 -7.46
N HIS A 657 1.63 9.39 -6.87
CA HIS A 657 0.23 9.02 -6.89
C HIS A 657 -0.22 8.72 -8.31
N LEU A 658 0.36 9.46 -9.25
CA LEU A 658 0.01 9.33 -10.65
C LEU A 658 0.57 8.06 -11.20
N ALA A 659 1.86 7.85 -10.94
CA ALA A 659 2.52 6.62 -11.40
C ALA A 659 1.82 5.40 -10.81
N ASP A 660 1.32 5.52 -9.60
CA ASP A 660 0.59 4.43 -8.97
C ASP A 660 -0.67 4.11 -9.75
N ARG A 661 -1.43 5.16 -10.10
CA ARG A 661 -2.72 5.00 -10.77
C ARG A 661 -2.62 4.61 -12.23
N LEU A 662 -1.60 5.12 -12.91
CA LEU A 662 -1.38 4.84 -14.32
C LEU A 662 -1.06 3.36 -14.46
N VAL A 663 -0.12 2.90 -13.66
CA VAL A 663 0.33 1.52 -13.68
C VAL A 663 -0.83 0.58 -13.35
N LYS A 664 -1.67 0.97 -12.40
CA LYS A 664 -2.90 0.21 -12.09
C LYS A 664 -3.89 0.14 -13.27
N GLU A 665 -4.00 1.24 -14.01
CA GLU A 665 -5.00 1.39 -15.05
C GLU A 665 -4.55 0.80 -16.37
N VAL A 666 -3.27 0.91 -16.68
CA VAL A 666 -2.70 0.14 -17.78
C VAL A 666 -2.77 -1.35 -17.43
N GLY A 667 -2.82 -1.64 -16.13
CA GLY A 667 -2.97 -3.01 -15.68
C GLY A 667 -4.35 -3.47 -16.04
N ARG A 668 -5.37 -2.79 -15.52
CA ARG A 668 -6.77 -3.09 -15.83
C ARG A 668 -7.06 -3.23 -17.32
N LEU A 669 -6.62 -2.29 -18.15
CA LEU A 669 -7.08 -2.33 -19.53
C LEU A 669 -6.05 -2.47 -20.63
N GLY A 670 -4.82 -2.75 -20.28
CA GLY A 670 -3.86 -3.17 -21.28
C GLY A 670 -3.20 -2.03 -22.00
N ILE A 671 -2.06 -2.31 -22.59
CA ILE A 671 -1.25 -1.22 -23.07
C ILE A 671 -1.53 -0.86 -24.53
N ARG A 672 -2.22 -1.75 -25.24
CA ARG A 672 -2.36 -1.64 -26.70
C ARG A 672 -3.20 -0.42 -27.17
N HIS A 673 -3.89 0.22 -26.24
CA HIS A 673 -4.84 1.28 -26.56
C HIS A 673 -4.23 2.68 -26.54
N LEU A 674 -3.22 2.84 -25.70
CA LEU A 674 -2.61 4.14 -25.44
C LEU A 674 -1.76 4.71 -26.59
N LYS A 675 -1.64 4.00 -27.70
CA LYS A 675 -0.81 4.47 -28.81
C LYS A 675 -1.03 5.96 -29.07
N GLU A 676 -2.29 6.37 -29.20
CA GLU A 676 -2.64 7.72 -29.65
C GLU A 676 -3.25 8.62 -28.58
N VAL A 677 -2.80 8.49 -27.34
CA VAL A 677 -3.28 9.37 -26.27
C VAL A 677 -2.15 10.33 -25.94
N ASP A 678 -2.45 11.62 -25.90
CA ASP A 678 -1.44 12.63 -25.65
C ASP A 678 -0.92 12.43 -24.23
N ARG A 679 0.40 12.36 -24.10
CA ARG A 679 1.04 12.13 -22.82
C ARG A 679 0.75 13.17 -21.73
N GLU A 680 -0.06 14.16 -22.05
CA GLU A 680 -0.33 15.26 -21.14
C GLU A 680 -1.76 15.13 -20.64
N LYS A 681 -2.48 14.16 -21.21
CA LYS A 681 -3.84 13.84 -20.79
C LYS A 681 -3.81 12.70 -19.78
N LEU A 682 -4.03 13.04 -18.53
CA LEU A 682 -4.02 12.07 -17.43
C LEU A 682 -5.26 11.20 -17.46
N PHE A 683 -5.30 10.27 -18.41
CA PHE A 683 -6.50 9.48 -18.66
C PHE A 683 -6.92 8.57 -17.50
N PHE A 684 -5.98 8.24 -16.62
CA PHE A 684 -6.14 7.22 -15.57
C PHE A 684 -6.69 7.73 -14.22
N VAL A 685 -6.85 9.04 -14.06
CA VAL A 685 -7.41 9.57 -12.82
C VAL A 685 -8.93 9.39 -12.75
#